data_4IVH
# 
_entry.id   4IVH 
# 
_audit_conform.dict_name       mmcif_pdbx.dic 
_audit_conform.dict_version    5.381 
_audit_conform.dict_location   http://mmcif.pdb.org/dictionaries/ascii/mmcif_pdbx.dic 
# 
loop_
_database_2.database_id 
_database_2.database_code 
_database_2.pdbx_database_accession 
_database_2.pdbx_DOI 
PDB   4IVH         pdb_00004ivh 10.2210/pdb4ivh/pdb 
RCSB  RCSB077260   ?            ?                   
WWPDB D_1000077260 ?            ?                   
# 
_pdbx_database_status.status_code                     REL 
_pdbx_database_status.entry_id                        4IVH 
_pdbx_database_status.recvd_initial_deposition_date   2013-01-22 
_pdbx_database_status.deposit_site                    RCSB 
_pdbx_database_status.process_site                    RCSB 
_pdbx_database_status.status_code_sf                  REL 
_pdbx_database_status.status_code_mr                  ? 
_pdbx_database_status.SG_entry                        ? 
_pdbx_database_status.status_code_cs                  ? 
_pdbx_database_status.methods_development_category    ? 
_pdbx_database_status.pdb_format_compatible           Y 
_pdbx_database_status.status_code_nmr_data            ? 
# 
loop_
_audit_author.name 
_audit_author.pdbx_ordinal 
'Pham, J.D.'     1 
'Chim, N.'       2 
'Goulding, C.W.' 3 
'Nowick, J.S.'   4 
# 
_citation.id                        primary 
_citation.title                     'Structures of beta-Amyloid Peptide Oligomers' 
_citation.journal_abbrev            J.Am.Chem.Soc. 
_citation.journal_volume            ? 
_citation.page_first                ? 
_citation.page_last                 ? 
_citation.year                      2013 
_citation.journal_id_ASTM           JACSAT 
_citation.country                   US 
_citation.journal_id_ISSN           1520-5126 
_citation.journal_id_CSD            ? 
_citation.book_publisher            ? 
_citation.pdbx_database_id_PubMed   ? 
_citation.pdbx_database_id_DOI      ? 
# 
loop_
_citation_author.citation_id 
_citation_author.name 
_citation_author.ordinal 
_citation_author.identifier_ORCID 
primary 'Pham, J.D.'     1 ? 
primary 'Chim, N.'       2 ? 
primary 'Goulding, C.W.' 3 ? 
primary 'Nowick, J.S.'   4 ? 
# 
_cell.entry_id           4IVH 
_cell.length_a           45.085 
_cell.length_b           45.085 
_cell.length_c           29.247 
_cell.angle_alpha        90.00 
_cell.angle_beta         90.00 
_cell.angle_gamma        120.00 
_cell.Z_PDB              12 
_cell.pdbx_unique_axis   ? 
_cell.length_a_esd       ? 
_cell.length_b_esd       ? 
_cell.length_c_esd       ? 
_cell.angle_alpha_esd    ? 
_cell.angle_beta_esd     ? 
_cell.angle_gamma_esd    ? 
# 
_symmetry.entry_id                         4IVH 
_symmetry.space_group_name_H-M             'P 6 2 2' 
_symmetry.pdbx_full_space_group_name_H-M   ? 
_symmetry.cell_setting                     ? 
_symmetry.Int_Tables_number                177 
_symmetry.space_group_name_Hall            ? 
# 
loop_
_entity.id 
_entity.type 
_entity.src_method 
_entity.pdbx_description 
_entity.formula_weight 
_entity.pdbx_number_of_molecules 
_entity.pdbx_ec 
_entity.pdbx_mutation 
_entity.pdbx_fragment 
_entity.details 
1 polymer     syn 'cyclo[Gln-Lys-Leu-Val-Phe-Phe-Ala-Glu-Asp-(delta-linked-Orn)-Hao-Lys-Hao-(p-bromoPhe)-Thr-(delta-linked-Orn)]' 
2252.276 1 ? ? ? ? 
2 non-polymer syn 'TERTIARY-BUTYL ALCOHOL'                                                                                        
74.122   1 ? ? ? ? 
3 non-polymer syn 'SODIUM ION'                                                                                                    
22.990   1 ? ? ? ? 
4 water       nat water                                                                                                           
18.015   2 ? ? ? ? 
# 
_entity_poly.entity_id                      1 
_entity_poly.type                           'polypeptide(L)' 
_entity_poly.nstd_linkage                   no 
_entity_poly.nstd_monomer                   yes 
_entity_poly.pdbx_seq_one_letter_code       'T(ORN)QKLVFFAED(ORN)(HAO)K(HAO)(4BF)' 
_entity_poly.pdbx_seq_one_letter_code_can   TAQKLVFFAEDAXKXY 
_entity_poly.pdbx_strand_id                 A 
_entity_poly.pdbx_target_identifier         ? 
# 
loop_
_entity_poly_seq.entity_id 
_entity_poly_seq.num 
_entity_poly_seq.mon_id 
_entity_poly_seq.hetero 
1 1  THR n 
1 2  ORN n 
1 3  GLN n 
1 4  LYS n 
1 5  LEU n 
1 6  VAL n 
1 7  PHE n 
1 8  PHE n 
1 9  ALA n 
1 10 GLU n 
1 11 ASP n 
1 12 ORN n 
1 13 HAO n 
1 14 LYS n 
1 15 HAO n 
1 16 4BF n 
# 
_pdbx_entity_src_syn.entity_id              1 
_pdbx_entity_src_syn.pdbx_src_id            1 
_pdbx_entity_src_syn.pdbx_alt_source_flag   sample 
_pdbx_entity_src_syn.pdbx_beg_seq_num       ? 
_pdbx_entity_src_syn.pdbx_end_seq_num       ? 
_pdbx_entity_src_syn.organism_scientific    'synthetic construct' 
_pdbx_entity_src_syn.organism_common_name   synthetic 
_pdbx_entity_src_syn.ncbi_taxonomy_id       32630 
_pdbx_entity_src_syn.details                ? 
# 
_struct_ref.id                         1 
_struct_ref.db_name                    PDB 
_struct_ref.db_code                    4IVH 
_struct_ref.pdbx_db_accession          4IVH 
_struct_ref.entity_id                  1 
_struct_ref.pdbx_align_begin           ? 
_struct_ref.pdbx_seq_one_letter_code   ? 
_struct_ref.pdbx_db_isoform            ? 
# 
_struct_ref_seq.align_id                      1 
_struct_ref_seq.ref_id                        1 
_struct_ref_seq.pdbx_PDB_id_code              4IVH 
_struct_ref_seq.pdbx_strand_id                A 
_struct_ref_seq.seq_align_beg                 1 
_struct_ref_seq.pdbx_seq_align_beg_ins_code   ? 
_struct_ref_seq.seq_align_end                 16 
_struct_ref_seq.pdbx_seq_align_end_ins_code   ? 
_struct_ref_seq.pdbx_db_accession             4IVH 
_struct_ref_seq.db_align_beg                  1 
_struct_ref_seq.pdbx_db_align_beg_ins_code    ? 
_struct_ref_seq.db_align_end                  16 
_struct_ref_seq.pdbx_db_align_end_ins_code    ? 
_struct_ref_seq.pdbx_auth_seq_align_beg       1 
_struct_ref_seq.pdbx_auth_seq_align_end       16 
# 
loop_
_chem_comp.id 
_chem_comp.type 
_chem_comp.mon_nstd_flag 
_chem_comp.name 
_chem_comp.pdbx_synonyms 
_chem_comp.formula 
_chem_comp.formula_weight 
4BF 'L-peptide linking' n 4-BROMO-L-PHENYLALANINE                                          P-BROMO-L-PHENYLALANINE 
'C9 H10 Br N O2' 244.085 
ALA 'L-peptide linking' y ALANINE                                                          ?                       'C3 H7 N O2' 
89.093  
ASP 'L-peptide linking' y 'ASPARTIC ACID'                                                  ?                       'C4 H7 N O4' 
133.103 
GLN 'L-peptide linking' y GLUTAMINE                                                        ?                       'C5 H10 N2 O3' 
146.144 
GLU 'L-peptide linking' y 'GLUTAMIC ACID'                                                  ?                       'C5 H9 N O4' 
147.129 
HAO peptide-like        . '{[3-(hydrazinocarbonyl)-4-methoxyphenyl]amino}(oxo)acetic acid' ?                       'C10 H11 N3 O5' 
253.211 
HOH non-polymer         . WATER                                                            ?                       'H2 O' 18.015  
LEU 'L-peptide linking' y LEUCINE                                                          ?                       'C6 H13 N O2' 
131.173 
LYS 'L-peptide linking' y LYSINE                                                           ?                       
'C6 H15 N2 O2 1' 147.195 
NA  non-polymer         . 'SODIUM ION'                                                     ?                       'Na 1' 22.990  
ORN 'L-peptide linking' n L-ornithine                                                      ?                       'C5 H12 N2 O2' 
132.161 
PHE 'L-peptide linking' y PHENYLALANINE                                                    ?                       'C9 H11 N O2' 
165.189 
TBU non-polymer         . 'TERTIARY-BUTYL ALCOHOL'                                         2-METHYL-2-PROPANOL     'C4 H10 O' 
74.122  
THR 'L-peptide linking' y THREONINE                                                        ?                       'C4 H9 N O3' 
119.119 
VAL 'L-peptide linking' y VALINE                                                           ?                       'C5 H11 N O2' 
117.146 
# 
_exptl.entry_id          4IVH 
_exptl.method            'X-RAY DIFFRACTION' 
_exptl.crystals_number   1 
# 
_exptl_crystal.id                    1 
_exptl_crystal.density_meas          ? 
_exptl_crystal.density_Matthews      1.90 
_exptl_crystal.density_percent_sol   35.43 
_exptl_crystal.description           ? 
_exptl_crystal.F_000                 ? 
_exptl_crystal.preparation           ? 
# 
_exptl_crystal_grow.crystal_id      1 
_exptl_crystal_grow.method          'VAPOR DIFFUSION, HANGING DROP' 
_exptl_crystal_grow.temp            298 
_exptl_crystal_grow.temp_details    ? 
_exptl_crystal_grow.pH              7.2 
_exptl_crystal_grow.pdbx_details    
'0.5M Sodium citrate tribasic dihydrate, 35% tert-butanol, 1% PEG 3350  98K, pH 7.2, VAPOR DIFFUSION, HANGING DROP, temperature 298K' 
_exptl_crystal_grow.pdbx_pH_range   ? 
# 
_diffrn.id                     1 
_diffrn.ambient_temp           100 
_diffrn.ambient_temp_details   ? 
_diffrn.crystal_id             1 
# 
_diffrn_detector.diffrn_id              1 
_diffrn_detector.detector               CCD 
_diffrn_detector.type                   'ADSC QUANTUM 315r' 
_diffrn_detector.pdbx_collection_date   2012-10-26 
_diffrn_detector.details                ? 
# 
_diffrn_radiation.diffrn_id                        1 
_diffrn_radiation.wavelength_id                    1 
_diffrn_radiation.pdbx_monochromatic_or_laue_m_l   M 
_diffrn_radiation.monochromator                    'Si 111' 
_diffrn_radiation.pdbx_diffrn_protocol             'SINGLE WAVELENGTH' 
_diffrn_radiation.pdbx_scattering_type             x-ray 
# 
_diffrn_radiation_wavelength.id           1 
_diffrn_radiation_wavelength.wavelength   0.92 
_diffrn_radiation_wavelength.wt           1.0 
# 
_diffrn_source.diffrn_id                   1 
_diffrn_source.source                      SYNCHROTRON 
_diffrn_source.type                        'ALS BEAMLINE 8.2.1' 
_diffrn_source.pdbx_synchrotron_site       ALS 
_diffrn_source.pdbx_synchrotron_beamline   8.2.1 
_diffrn_source.pdbx_wavelength             ? 
_diffrn_source.pdbx_wavelength_list        0.92 
# 
_reflns.entry_id                     4IVH 
_reflns.observed_criterion_sigma_I   -3 
_reflns.observed_criterion_sigma_F   0.00 
_reflns.d_resolution_low             50.0 
_reflns.d_resolution_high            1.77 
_reflns.number_obs                   1909 
_reflns.number_all                   38242 
_reflns.percent_possible_obs         99.00 
_reflns.pdbx_Rmerge_I_obs            0.123 
_reflns.pdbx_Rsym_value              0.123 
_reflns.pdbx_netI_over_sigmaI        22.00 
_reflns.B_iso_Wilson_estimate        ? 
_reflns.pdbx_redundancy              20.00 
_reflns.R_free_details               ? 
_reflns.limit_h_max                  ? 
_reflns.limit_h_min                  ? 
_reflns.limit_k_max                  ? 
_reflns.limit_k_min                  ? 
_reflns.limit_l_max                  ? 
_reflns.limit_l_min                  ? 
_reflns.observed_criterion_F_max     ? 
_reflns.observed_criterion_F_min     ? 
_reflns.pdbx_chi_squared             ? 
_reflns.pdbx_scaling_rejects         ? 
_reflns.pdbx_ordinal                 1 
_reflns.pdbx_diffrn_id               1 
# 
loop_
_reflns_shell.d_res_high 
_reflns_shell.d_res_low 
_reflns_shell.percent_possible_all 
_reflns_shell.Rmerge_I_obs 
_reflns_shell.pdbx_Rsym_value 
_reflns_shell.meanI_over_sigI_obs 
_reflns_shell.pdbx_redundancy 
_reflns_shell.percent_possible_obs 
_reflns_shell.number_unique_all 
_reflns_shell.number_measured_all 
_reflns_shell.number_measured_obs 
_reflns_shell.number_unique_obs 
_reflns_shell.pdbx_chi_squared 
_reflns_shell.pdbx_ordinal 
_reflns_shell.pdbx_diffrn_id 
1.770  1.830  100.000 0.456 ? ? 17.800 ? 178 ? ? ? ? 1  1 
1.830  1.910  100.000 0.330 ? ? 20.500 ? 185 ? ? ? ? 2  1 
1.910  1.990  100.000 0.211 ? ? 21.300 ? 185 ? ? ? ? 3  1 
1.990  2.100  100.000 0.154 ? ? 21.400 ? 188 ? ? ? ? 4  1 
2.100  2.230  100.000 0.137 ? ? 21.600 ? 188 ? ? ? ? 5  1 
2.230  2.400  100.000 0.141 ? ? 21.200 ? 181 ? ? ? ? 6  1 
2.400  2.6400 100.000 0.131 ? ? 21.100 ? 195 ? ? ? ? 7  1 
2.6400 3.030  100.00  0.140 ? ? 20.700 ? 193 ? ? ? ? 8  1 
3.030  3.810  98.500  0.113 ? ? 19.200 ? 210 ? ? ? ? 9  1 
3.810  50.000 93.100  0.117 ? ? 16.100 ? 216 ? ? ? ? 10 1 
# 
_refine.entry_id                                 4IVH 
_refine.ls_number_reflns_obs                     1779 
_refine.ls_number_reflns_all                     ? 
_refine.pdbx_ls_sigma_I                          ? 
_refine.pdbx_ls_sigma_F                          0.000 
_refine.pdbx_data_cutoff_high_absF               ? 
_refine.pdbx_data_cutoff_low_absF                ? 
_refine.pdbx_data_cutoff_high_rms_absF           ? 
_refine.ls_d_res_low                             29.26 
_refine.ls_d_res_high                            1.77 
_refine.ls_percent_reflns_obs                    98.71 
_refine.ls_R_factor_obs                          0.22759 
_refine.ls_R_factor_all                          ? 
_refine.ls_R_factor_R_work                       0.22422 
_refine.ls_R_factor_R_free                       0.27056 
_refine.ls_R_factor_R_free_error                 ? 
_refine.ls_R_factor_R_free_error_details         ? 
_refine.ls_percent_reflns_R_free                 6.8 
_refine.ls_number_reflns_R_free                  130 
_refine.ls_number_parameters                     ? 
_refine.ls_number_restraints                     ? 
_refine.occupancy_min                            ? 
_refine.occupancy_max                            ? 
_refine.correlation_coeff_Fo_to_Fc               0.940 
_refine.correlation_coeff_Fo_to_Fc_free          0.901 
_refine.B_iso_mean                               42.122 
_refine.aniso_B[1][1]                            0.21 
_refine.aniso_B[2][2]                            0.21 
_refine.aniso_B[3][3]                            -0.68 
_refine.aniso_B[1][2]                            0.21 
_refine.aniso_B[1][3]                            0.00 
_refine.aniso_B[2][3]                            0.00 
_refine.solvent_model_details                    MASK 
_refine.solvent_model_param_ksol                 ? 
_refine.solvent_model_param_bsol                 ? 
_refine.pdbx_solvent_vdw_probe_radii             1.20 
_refine.pdbx_solvent_ion_probe_radii             0.80 
_refine.pdbx_solvent_shrinkage_radii             0.80 
_refine.pdbx_ls_cross_valid_method               THROUGHOUT 
_refine.details                                  'HYDROGENS HAVE BEEN ADDED IN THE RIDING POSITIONS' 
_refine.pdbx_starting_model                      ? 
_refine.pdbx_method_to_determine_struct          SAD 
_refine.pdbx_isotropic_thermal_model             ? 
_refine.pdbx_stereochemistry_target_values       'MAXIMUM LIKELIHOOD' 
_refine.pdbx_stereochem_target_val_spec_case     ? 
_refine.pdbx_R_Free_selection_details            RANDOM 
_refine.pdbx_overall_ESU_R                       0.161 
_refine.pdbx_overall_ESU_R_Free                  0.153 
_refine.overall_SU_ML                            0.110 
_refine.pdbx_overall_phase_error                 ? 
_refine.overall_SU_B                             8.737 
_refine.overall_SU_R_Cruickshank_DPI             ? 
_refine.ls_redundancy_reflns_obs                 ? 
_refine.B_iso_min                                ? 
_refine.B_iso_max                                ? 
_refine.overall_SU_R_free                        ? 
_refine.ls_wR_factor_R_free                      ? 
_refine.ls_wR_factor_R_work                      ? 
_refine.overall_FOM_free_R_set                   ? 
_refine.overall_FOM_work_R_set                   ? 
_refine.pdbx_diffrn_id                           1 
_refine.pdbx_refine_id                           'X-RAY DIFFRACTION' 
_refine.pdbx_TLS_residual_ADP_flag               ? 
_refine.pdbx_overall_SU_R_free_Cruickshank_DPI   ? 
_refine.pdbx_overall_SU_R_Blow_DPI               ? 
_refine.pdbx_overall_SU_R_free_Blow_DPI          ? 
# 
_refine_hist.pdbx_refine_id                   'X-RAY DIFFRACTION' 
_refine_hist.cycle_id                         LAST 
_refine_hist.pdbx_number_atoms_protein        155 
_refine_hist.pdbx_number_atoms_nucleic_acid   0 
_refine_hist.pdbx_number_atoms_ligand         6 
_refine_hist.number_atoms_solvent             2 
_refine_hist.number_atoms_total               163 
_refine_hist.d_res_high                       1.77 
_refine_hist.d_res_low                        29.26 
# 
loop_
_refine_ls_restr.type 
_refine_ls_restr.dev_ideal 
_refine_ls_restr.dev_ideal_target 
_refine_ls_restr.weight 
_refine_ls_restr.number 
_refine_ls_restr.pdbx_restraint_function 
_refine_ls_restr.pdbx_refine_id 
r_bond_refined_d       0.031  0.020  ? 174 ? 'X-RAY DIFFRACTION' 
r_bond_other_d         0.024  0.020  ? 162 ? 'X-RAY DIFFRACTION' 
r_angle_refined_deg    2.960  2.221  ? 236 ? 'X-RAY DIFFRACTION' 
r_angle_other_deg      1.960  3.027  ? 348 ? 'X-RAY DIFFRACTION' 
r_dihedral_angle_1_deg 6.893  5.000  ? 10  ? 'X-RAY DIFFRACTION' 
r_dihedral_angle_2_deg 20.748 25.000 ? 6   ? 'X-RAY DIFFRACTION' 
r_dihedral_angle_3_deg 16.349 15.000 ? 20  ? 'X-RAY DIFFRACTION' 
r_chiral_restr         0.128  0.200  ? 19  ? 'X-RAY DIFFRACTION' 
r_gen_planes_refined   0.027  0.021  ? 193 ? 'X-RAY DIFFRACTION' 
r_gen_planes_other     0.018  0.021  ? 42  ? 'X-RAY DIFFRACTION' 
r_mcbond_it            4.108  ?      ? ?   ? 'X-RAY DIFFRACTION' 
r_mcbond_other         3.647  ?      ? ?   ? 'X-RAY DIFFRACTION' 
p_mcangle_it           6.268  ?      ? ?   ? 'X-RAY DIFFRACTION' 
# 
_refine_ls_shell.pdbx_total_number_of_bins_used   20 
_refine_ls_shell.d_res_high                       1.772 
_refine_ls_shell.d_res_low                        1.818 
_refine_ls_shell.number_reflns_R_work             127 
_refine_ls_shell.R_factor_R_work                  0.226 
_refine_ls_shell.percent_reflns_obs               95.65 
_refine_ls_shell.R_factor_R_free                  0.332 
_refine_ls_shell.R_factor_R_free_error            ? 
_refine_ls_shell.percent_reflns_R_free            ? 
_refine_ls_shell.number_reflns_R_free             5 
_refine_ls_shell.number_reflns_all                ? 
_refine_ls_shell.R_factor_all                     ? 
_refine_ls_shell.number_reflns_obs                ? 
_refine_ls_shell.redundancy_reflns_obs            ? 
_refine_ls_shell.pdbx_refine_id                   'X-RAY DIFFRACTION' 
# 
_struct.entry_id                  4IVH 
_struct.title                     
'Crystal structure of QKLVFFAED nonapeptide segment from amyloid beta incorporated into a macrocyclic beta-sheet template' 
_struct.pdbx_model_details        ? 
_struct.pdbx_CASP_flag            ? 
_struct.pdbx_model_type_details   ? 
# 
_struct_keywords.entry_id        4IVH 
_struct_keywords.pdbx_keywords   'DE NOVO PROTEIN' 
_struct_keywords.text            'amyloid oligomer, DE NOVO PROTEIN' 
# 
loop_
_struct_asym.id 
_struct_asym.pdbx_blank_PDB_chainid_flag 
_struct_asym.pdbx_modified 
_struct_asym.entity_id 
_struct_asym.details 
A N N 1 ? 
B N N 2 ? 
C N N 3 ? 
D N N 4 ? 
# 
_struct_biol.id        1 
_struct_biol.details   ? 
# 
loop_
_struct_conn.id 
_struct_conn.conn_type_id 
_struct_conn.pdbx_leaving_atom_flag 
_struct_conn.pdbx_PDB_id 
_struct_conn.ptnr1_label_asym_id 
_struct_conn.ptnr1_label_comp_id 
_struct_conn.ptnr1_label_seq_id 
_struct_conn.ptnr1_label_atom_id 
_struct_conn.pdbx_ptnr1_label_alt_id 
_struct_conn.pdbx_ptnr1_PDB_ins_code 
_struct_conn.pdbx_ptnr1_standard_comp_id 
_struct_conn.ptnr1_symmetry 
_struct_conn.ptnr2_label_asym_id 
_struct_conn.ptnr2_label_comp_id 
_struct_conn.ptnr2_label_seq_id 
_struct_conn.ptnr2_label_atom_id 
_struct_conn.pdbx_ptnr2_label_alt_id 
_struct_conn.pdbx_ptnr2_PDB_ins_code 
_struct_conn.ptnr1_auth_asym_id 
_struct_conn.ptnr1_auth_comp_id 
_struct_conn.ptnr1_auth_seq_id 
_struct_conn.ptnr2_auth_asym_id 
_struct_conn.ptnr2_auth_comp_id 
_struct_conn.ptnr2_auth_seq_id 
_struct_conn.ptnr2_symmetry 
_struct_conn.pdbx_ptnr3_label_atom_id 
_struct_conn.pdbx_ptnr3_label_seq_id 
_struct_conn.pdbx_ptnr3_label_comp_id 
_struct_conn.pdbx_ptnr3_label_asym_id 
_struct_conn.pdbx_ptnr3_label_alt_id 
_struct_conn.pdbx_ptnr3_PDB_ins_code 
_struct_conn.details 
_struct_conn.pdbx_dist_value 
_struct_conn.pdbx_value_order 
_struct_conn.pdbx_role 
covale1 covale both ? A THR 1  C  ? ? ? 1_555 A ORN 2  NE ? ? A THR 1   A ORN 2   1_555 ? ? ? ? ? ? ? 1.329 ? ? 
covale2 covale both ? A THR 1  N  ? ? ? 1_555 A 4BF 16 C  ? ? A THR 1   A 4BF 16  1_555 ? ? ? ? ? ? ? 1.334 ? ? 
covale3 covale both ? A ORN 2  C  ? ? ? 1_555 A GLN 3  N  ? ? A ORN 2   A GLN 3   1_555 ? ? ? ? ? ? ? 1.356 ? ? 
covale4 covale both ? A ASP 11 C  ? ? ? 1_555 A ORN 12 NE ? ? A ASP 11  A ORN 12  1_555 ? ? ? ? ? ? ? 1.344 ? ? 
covale5 covale both ? A ORN 12 C  ? ? ? 1_555 A HAO 13 N  ? ? A ORN 12  A HAO 13  1_555 ? ? ? ? ? ? ? 1.347 ? ? 
covale6 covale both ? A HAO 13 C  ? ? ? 1_555 A LYS 14 N  ? ? A HAO 13  A LYS 14  1_555 ? ? ? ? ? ? ? 1.342 ? ? 
covale7 covale both ? A LYS 14 C  ? ? ? 1_555 A HAO 15 N  ? ? A LYS 14  A HAO 15  1_555 ? ? ? ? ? ? ? 1.311 ? ? 
covale8 covale both ? A HAO 15 C  ? ? ? 1_555 A 4BF 16 N  ? ? A HAO 15  A 4BF 16  1_555 ? ? ? ? ? ? ? 1.349 ? ? 
metalc1 metalc ?    ? A 4BF 16 O  ? ? ? 1_555 C NA  .  NA ? ? A 4BF 16  A NA  102 1_555 ? ? ? ? ? ? ? 2.784 ? ? 
metalc2 metalc ?    ? C NA  .  NA ? ? ? 1_555 D HOH .  O  ? ? A NA  102 A HOH 201 1_555 ? ? ? ? ? ? ? 2.624 ? ? 
# 
loop_
_struct_conn_type.id 
_struct_conn_type.criteria 
_struct_conn_type.reference 
covale ? ? 
metalc ? ? 
# 
loop_
_struct_site.id 
_struct_site.pdbx_evidence_code 
_struct_site.pdbx_auth_asym_id 
_struct_site.pdbx_auth_comp_id 
_struct_site.pdbx_auth_seq_id 
_struct_site.pdbx_auth_ins_code 
_struct_site.pdbx_num_residues 
_struct_site.details 
AC1 Software A TBU 101 ? 2 'BINDING SITE FOR RESIDUE TBU A 101' 
AC2 Software A NA  102 ? 4 'BINDING SITE FOR RESIDUE NA A 102'  
# 
loop_
_struct_site_gen.id 
_struct_site_gen.site_id 
_struct_site_gen.pdbx_num_res 
_struct_site_gen.label_comp_id 
_struct_site_gen.label_asym_id 
_struct_site_gen.label_seq_id 
_struct_site_gen.pdbx_auth_ins_code 
_struct_site_gen.auth_comp_id 
_struct_site_gen.auth_asym_id 
_struct_site_gen.auth_seq_id 
_struct_site_gen.label_atom_id 
_struct_site_gen.label_alt_id 
_struct_site_gen.symmetry 
_struct_site_gen.details 
1 AC1 2 HAO A 13 ? HAO A 13  . ? 10_665 ? 
2 AC1 2 HAO A 13 ? HAO A 13  . ? 2_655  ? 
3 AC2 4 4BF A 16 ? 4BF A 16  . ? 12_556 ? 
4 AC2 4 4BF A 16 ? 4BF A 16  . ? 1_555  ? 
5 AC2 4 HOH D .  ? HOH A 201 . ? 1_555  ? 
6 AC2 4 HOH D .  ? HOH A 201 . ? 12_556 ? 
# 
_atom_sites.entry_id                    4IVH 
_atom_sites.fract_transf_matrix[1][1]   -0.01007845 
_atom_sites.fract_transf_matrix[1][2]   -0.01583055 
_atom_sites.fract_transf_matrix[1][3]   0.01742884 
_atom_sites.fract_transf_matrix[2][1]   0.00138125 
_atom_sites.fract_transf_matrix[2][2]   -0.02534701 
_atom_sites.fract_transf_matrix[2][3]   -0.00340522 
_atom_sites.fract_transf_matrix[3][1]   0.02983438 
_atom_sites.fract_transf_matrix[3][2]   -0.00061669 
_atom_sites.fract_transf_matrix[3][3]   0.01669198 
_atom_sites.fract_transf_vector[1]      0.502536 
_atom_sites.fract_transf_vector[2]      0.370901 
_atom_sites.fract_transf_vector[3]      0.406907 
# 
loop_
_atom_type.symbol 
BR 
C  
N  
NA 
O  
# 
loop_
_atom_site.group_PDB 
_atom_site.id 
_atom_site.type_symbol 
_atom_site.label_atom_id 
_atom_site.label_alt_id 
_atom_site.label_comp_id 
_atom_site.label_asym_id 
_atom_site.label_entity_id 
_atom_site.label_seq_id 
_atom_site.pdbx_PDB_ins_code 
_atom_site.Cartn_x 
_atom_site.Cartn_y 
_atom_site.Cartn_z 
_atom_site.occupancy 
_atom_site.B_iso_or_equiv 
_atom_site.pdbx_formal_charge 
_atom_site.auth_seq_id 
_atom_site.auth_comp_id 
_atom_site.auth_asym_id 
_atom_site.auth_atom_id 
_atom_site.pdbx_PDB_model_num 
ATOM   1   N  N   . THR A 1 1  ? 7.906   10.133  -0.786 1.00 34.42 ? 1   THR A N   1 
ATOM   2   C  CA  . THR A 1 1  ? 8.305   11.563  -0.585 1.00 38.28 ? 1   THR A CA  1 
ATOM   3   C  C   . THR A 1 1  ? 9.715   11.572  -0.093 1.00 40.79 ? 1   THR A C   1 
ATOM   4   O  O   . THR A 1 1  ? 9.941   11.295  1.075  1.00 41.92 ? 1   THR A O   1 
ATOM   5   C  CB  . THR A 1 1  ? 7.461   12.364  0.422  1.00 41.65 ? 1   THR A CB  1 
ATOM   6   O  OG1 . THR A 1 1  ? 8.127   13.662  0.696  1.00 49.82 ? 1   THR A OG1 1 
ATOM   7   C  CG2 . THR A 1 1  ? 7.152   11.628  1.729  1.00 42.33 ? 1   THR A CG2 1 
HETATM 8   N  N   . ORN A 1 2  ? 14.358  8.260   -0.187 1.00 95.28 ? 2   ORN A N   1 
HETATM 9   C  CA  . ORN A 1 2  ? 13.116  8.921   0.190  1.00 71.01 ? 2   ORN A CA  1 
HETATM 10  C  CB  . ORN A 1 2  ? 12.318  9.309   -1.059 1.00 64.36 ? 2   ORN A CB  1 
HETATM 11  C  CG  . ORN A 1 2  ? 12.649  10.731  -1.526 1.00 63.66 ? 2   ORN A CG  1 
HETATM 12  C  CD  . ORN A 1 2  ? 12.077  11.873  -0.685 1.00 58.13 ? 2   ORN A CD  1 
HETATM 13  N  NE  . ORN A 1 2  ? 10.642  11.907  -0.983 1.00 53.19 ? 2   ORN A NE  1 
HETATM 14  C  C   . ORN A 1 2  ? 12.302  7.961   1.057  1.00 70.70 ? 2   ORN A C   1 
HETATM 15  O  O   . ORN A 1 2  ? 12.560  6.710   1.037  1.00 67.92 ? 2   ORN A O   1 
ATOM   16  N  N   . GLN A 1 3  ? 11.360  8.559   1.829  1.00 56.96 ? 3   GLN A N   1 
ATOM   17  C  CA  . GLN A 1 3  ? 10.423  7.800   2.660  1.00 45.94 ? 3   GLN A CA  1 
ATOM   18  C  C   . GLN A 1 3  ? 9.299   7.237   1.756  1.00 36.60 ? 3   GLN A C   1 
ATOM   19  O  O   . GLN A 1 3  ? 8.838   7.880   0.878  1.00 35.46 ? 3   GLN A O   1 
ATOM   20  C  CB  . GLN A 1 3  ? 10.004  8.651   3.807  1.00 47.68 ? 3   GLN A CB  1 
ATOM   21  C  CG  . GLN A 1 3  ? 8.761   9.407   3.668  1.00 50.14 ? 3   GLN A CG  1 
ATOM   22  C  CD  . GLN A 1 3  ? 8.767   10.612  4.584  1.00 61.65 ? 3   GLN A CD  1 
ATOM   23  O  OE1 . GLN A 1 3  ? 7.698   11.147  4.939  1.00 64.67 ? 3   GLN A OE1 1 
ATOM   24  N  NE2 . GLN A 1 3  ? 9.970   11.040  4.990  1.00 63.95 ? 3   GLN A NE2 1 
ATOM   25  N  N   . LYS A 1 4  ? 8.912   6.005   1.959  1.00 31.35 ? 4   LYS A N   1 
ATOM   26  C  CA  . LYS A 1 4  ? 8.079   5.248   1.048  1.00 31.05 ? 4   LYS A CA  1 
ATOM   27  C  C   . LYS A 1 4  ? 7.232   4.405   1.880  1.00 27.71 ? 4   LYS A C   1 
ATOM   28  O  O   . LYS A 1 4  ? 7.668   3.908   2.932  1.00 27.90 ? 4   LYS A O   1 
ATOM   29  C  CB  . LYS A 1 4  ? 8.955   4.292   0.252  1.00 35.42 ? 4   LYS A CB  1 
ATOM   30  C  CG  . LYS A 1 4  ? 9.967   5.008   -0.600 1.00 43.92 ? 4   LYS A CG  1 
ATOM   31  C  CD  . LYS A 1 4  ? 10.854  4.050   -1.366 1.00 51.76 ? 4   LYS A CD  1 
ATOM   32  C  CE  . LYS A 1 4  ? 12.280  4.624   -1.610 1.00 56.02 ? 4   LYS A CE  1 
ATOM   33  N  NZ  . LYS A 1 4  ? 12.245  5.787   -2.554 1.00 60.18 ? 4   LYS A NZ  1 
ATOM   34  N  N   . LEU A 1 5  ? 6.008   4.211   1.446  1.00 28.17 ? 5   LEU A N   1 
ATOM   35  C  CA  . LEU A 1 5  ? 5.045   3.326   2.155  1.00 29.86 ? 5   LEU A CA  1 
ATOM   36  C  C   . LEU A 1 5  ? 4.132   2.753   1.141  1.00 30.30 ? 5   LEU A C   1 
ATOM   37  O  O   . LEU A 1 5  ? 3.637   3.467   0.292  1.00 31.77 ? 5   LEU A O   1 
ATOM   38  C  CB  . LEU A 1 5  ? 4.205   4.135   3.112  1.00 32.29 ? 5   LEU A CB  1 
ATOM   39  C  CG  . LEU A 1 5  ? 3.201   3.493   4.041  1.00 34.12 ? 5   LEU A CG  1 
ATOM   40  C  CD1 . LEU A 1 5  ? 3.776   2.476   4.937  1.00 36.59 ? 5   LEU A CD1 1 
ATOM   41  C  CD2 . LEU A 1 5  ? 2.679   4.581   4.955  1.00 36.78 ? 5   LEU A CD2 1 
ATOM   42  N  N   . VAL A 1 6  ? 3.937   1.472   1.175  1.00 30.48 ? 6   VAL A N   1 
ATOM   43  C  CA  . VAL A 1 6  ? 2.962   0.869   0.280  1.00 30.59 ? 6   VAL A CA  1 
ATOM   44  C  C   . VAL A 1 6  ? 2.269   -0.195  1.056  1.00 28.89 ? 6   VAL A C   1 
ATOM   45  O  O   . VAL A 1 6  ? 2.876   -0.861  1.938  1.00 29.24 ? 6   VAL A O   1 
ATOM   46  C  CB  . VAL A 1 6  ? 3.628   0.249   -0.998 1.00 34.91 ? 6   VAL A CB  1 
ATOM   47  C  CG1 . VAL A 1 6  ? 4.322   1.288   -1.806 1.00 39.16 ? 6   VAL A CG1 1 
ATOM   48  C  CG2 . VAL A 1 6  ? 4.682   -0.757  -0.722 1.00 38.25 ? 6   VAL A CG2 1 
ATOM   49  N  N   . PHE A 1 7  ? 1.025   -0.417  0.712  1.00 28.47 ? 7   PHE A N   1 
ATOM   50  C  CA  . PHE A 1 7  ? 0.283   -1.529  1.275  1.00 30.86 ? 7   PHE A CA  1 
ATOM   51  C  C   . PHE A 1 7  ? -0.731  -2.095  0.287  1.00 29.07 ? 7   PHE A C   1 
ATOM   52  O  O   . PHE A 1 7  ? -1.180  -1.462  -0.646 1.00 28.60 ? 7   PHE A O   1 
ATOM   53  C  CB  . PHE A 1 7  ? -0.410  -1.235  2.611  1.00 32.82 ? 7   PHE A CB  1 
ATOM   54  C  CG  . PHE A 1 7  ? -1.667  -0.583  2.433  1.00 35.25 ? 7   PHE A CG  1 
ATOM   55  C  CD1 . PHE A 1 7  ? -2.801  -1.313  2.249  1.00 37.44 ? 7   PHE A CD1 1 
ATOM   56  C  CD2 . PHE A 1 7  ? -1.711  0.795   2.283  1.00 38.54 ? 7   PHE A CD2 1 
ATOM   57  C  CE1 . PHE A 1 7  ? -3.988  -0.684  1.968  1.00 38.50 ? 7   PHE A CE1 1 
ATOM   58  C  CE2 . PHE A 1 7  ? -2.925  1.426   2.031  1.00 39.48 ? 7   PHE A CE2 1 
ATOM   59  C  CZ  . PHE A 1 7  ? -4.050  0.675   1.844  1.00 38.60 ? 7   PHE A CZ  1 
ATOM   60  N  N   . PHE A 1 8  ? -1.034  -3.364  0.488  1.00 29.31 ? 8   PHE A N   1 
ATOM   61  C  CA  A PHE A 1 8  ? -1.988  -4.110  -0.355 0.50 30.33 ? 8   PHE A CA  1 
ATOM   62  C  CA  B PHE A 1 8  ? -2.024  -4.066  -0.339 0.50 30.04 ? 8   PHE A CA  1 
ATOM   63  C  C   . PHE A 1 8  ? -2.811  -4.994  0.531  1.00 29.20 ? 8   PHE A C   1 
ATOM   64  O  O   . PHE A 1 8  ? -2.252  -5.711  1.322  1.00 31.52 ? 8   PHE A O   1 
ATOM   65  C  CB  A PHE A 1 8  ? -1.207  -4.958  -1.371 0.50 32.19 ? 8   PHE A CB  1 
ATOM   66  C  CB  B PHE A 1 8  ? -1.356  -4.844  -1.480 0.50 31.74 ? 8   PHE A CB  1 
ATOM   67  C  CG  A PHE A 1 8  ? -0.239  -4.172  -2.171 0.50 34.38 ? 8   PHE A CG  1 
ATOM   68  C  CG  B PHE A 1 8  ? -2.343  -5.657  -2.285 0.50 34.25 ? 8   PHE A CG  1 
ATOM   69  C  CD1 A PHE A 1 8  ? -0.659  -3.463  -3.265 0.50 36.75 ? 8   PHE A CD1 1 
ATOM   70  C  CD1 B PHE A 1 8  ? -3.078  -5.053  -3.334 0.50 35.85 ? 8   PHE A CD1 1 
ATOM   71  C  CD2 A PHE A 1 8  ? 1.099   -4.100  -1.817 0.50 36.31 ? 8   PHE A CD2 1 
ATOM   72  C  CD2 B PHE A 1 8  ? -2.587  -7.002  -1.986 0.50 35.18 ? 8   PHE A CD2 1 
ATOM   73  C  CE1 A PHE A 1 8  ? 0.251   -2.682  -3.984 0.50 39.68 ? 8   PHE A CE1 1 
ATOM   74  C  CE1 B PHE A 1 8  ? -4.027  -5.769  -4.066 0.50 36.73 ? 8   PHE A CE1 1 
ATOM   75  C  CE2 A PHE A 1 8  ? 1.998   -3.349  -2.524 0.50 37.42 ? 8   PHE A CE2 1 
ATOM   76  C  CE2 B PHE A 1 8  ? -3.508  -7.729  -2.748 0.50 36.56 ? 8   PHE A CE2 1 
ATOM   77  C  CZ  A PHE A 1 8  ? 1.578   -2.639  -3.619 0.50 38.16 ? 8   PHE A CZ  1 
ATOM   78  C  CZ  B PHE A 1 8  ? -4.239  -7.104  -3.772 0.50 36.75 ? 8   PHE A CZ  1 
ATOM   79  N  N   . ALA A 1 9  ? -4.138  -4.954  0.433  1.00 29.93 ? 9   ALA A N   1 
ATOM   80  C  CA  . ALA A 1 9  ? -4.981  -5.831  1.188  1.00 30.32 ? 9   ALA A CA  1 
ATOM   81  C  C   . ALA A 1 9  ? -6.047  -6.365  0.354  1.00 30.05 ? 9   ALA A C   1 
ATOM   82  O  O   . ALA A 1 9  ? -6.695  -5.604  -0.315 1.00 33.36 ? 9   ALA A O   1 
ATOM   83  C  CB  . ALA A 1 9  ? -5.547  -5.083  2.341  1.00 33.52 ? 9   ALA A CB  1 
ATOM   84  N  N   . GLU A 1 10 ? -6.224  -7.678  0.374  1.00 32.37 ? 10  GLU A N   1 
ATOM   85  C  CA  . GLU A 1 10 ? -7.338  -8.389  -0.290 1.00 36.31 ? 10  GLU A CA  1 
ATOM   86  C  C   . GLU A 1 10 ? -8.105  -9.329  0.642  1.00 35.13 ? 10  GLU A C   1 
ATOM   87  O  O   . GLU A 1 10 ? -7.548  -9.998  1.418  1.00 32.92 ? 10  GLU A O   1 
ATOM   88  C  CB  . GLU A 1 10 ? -6.814  -9.238  -1.437 1.00 45.21 ? 10  GLU A CB  1 
ATOM   89  C  CG  . GLU A 1 10 ? -7.883  -9.670  -2.468 1.00 57.72 ? 10  GLU A CG  1 
ATOM   90  C  CD  . GLU A 1 10 ? -7.365  -10.628 -3.588 1.00 73.49 ? 10  GLU A CD  1 
ATOM   91  O  OE1 . GLU A 1 10 ? -6.640  -11.662 -3.307 1.00 88.31 ? 10  GLU A OE1 1 
ATOM   92  O  OE2 . GLU A 1 10 ? -7.744  -10.363 -4.766 1.00 84.02 ? 10  GLU A OE2 1 
ATOM   93  N  N   . ASP A 1 11 ? -9.402  -9.337  0.582  1.00 39.62 ? 11  ASP A N   1 
ATOM   94  C  CA  . ASP A 1 11 ? -10.217 -10.375 1.236  1.00 41.78 ? 11  ASP A CA  1 
ATOM   95  C  C   . ASP A 1 11 ? -11.196 -10.943 0.174  1.00 43.36 ? 11  ASP A C   1 
ATOM   96  O  O   . ASP A 1 11 ? -12.229 -10.288 -0.145 1.00 43.14 ? 11  ASP A O   1 
ATOM   97  C  CB  . ASP A 1 11 ? -10.961 -9.734  2.415  1.00 46.34 ? 11  ASP A CB  1 
ATOM   98  C  CG  . ASP A 1 11 ? -11.741 -10.759 3.318  1.00 48.47 ? 11  ASP A CG  1 
ATOM   99  O  OD1 . ASP A 1 11 ? -11.886 -11.960 2.979  1.00 50.53 ? 11  ASP A OD1 1 
ATOM   100 O  OD2 . ASP A 1 11 ? -12.247 -10.282 4.374  1.00 51.50 ? 11  ASP A OD2 1 
HETATM 101 N  N   . ORN A 1 12 ? -13.469 -10.554 -4.327 1.00 49.82 ? 12  ORN A N   1 
HETATM 102 C  CA  . ORN A 1 12 ? -12.728 -10.298 -3.108 1.00 47.56 ? 12  ORN A CA  1 
HETATM 103 C  CB  . ORN A 1 12 ? -11.309 -10.877 -3.181 1.00 47.31 ? 12  ORN A CB  1 
HETATM 104 C  CG  . ORN A 1 12 ? -11.191 -12.353 -2.829 1.00 47.96 ? 12  ORN A CG  1 
HETATM 105 C  CD  . ORN A 1 12 ? -11.621 -12.712 -1.455 1.00 46.48 ? 12  ORN A CD  1 
HETATM 106 N  NE  . ORN A 1 12 ? -10.819 -12.083 -0.430 1.00 45.41 ? 12  ORN A NE  1 
HETATM 107 C  C   . ORN A 1 12 ? -12.553 -8.802  -2.987 1.00 50.28 ? 12  ORN A C   1 
HETATM 108 O  O   . ORN A 1 12 ? -12.098 -8.193  -3.983 1.00 62.20 ? 12  ORN A O   1 
HETATM 109 N  N   . HAO A 1 13 ? -12.801 -8.216  -1.800 1.00 45.08 ? 13  HAO A N   1 
HETATM 110 N  N9  . HAO A 1 13 ? -12.654 -6.967  -1.604 1.00 42.56 ? 13  HAO A N9  1 
HETATM 111 C  C10 . HAO A 1 13 ? -11.428 -6.544  -1.313 1.00 37.80 ? 13  HAO A C10 1 
HETATM 112 O  O11 . HAO A 1 13 ? -10.486 -7.308  -1.313 1.00 37.90 ? 13  HAO A O11 1 
HETATM 113 C  CA  . HAO A 1 13 ? -11.162 -5.079  -1.103 1.00 39.49 ? 13  HAO A CA  1 
HETATM 114 C  C13 . HAO A 1 13 ? -9.834  -4.610  -0.996 1.00 39.93 ? 13  HAO A C13 1 
HETATM 115 C  C14 . HAO A 1 13 ? -12.129 -4.181  -0.989 1.00 43.52 ? 13  HAO A C14 1 
HETATM 116 C  C15 . HAO A 1 13 ? -14.346 -3.833  -1.671 1.00 54.05 ? 13  HAO A C15 1 
HETATM 117 O  O15 . HAO A 1 13 ? -13.354 -4.694  -1.069 1.00 48.42 ? 13  HAO A O15 1 
HETATM 118 C  C17 . HAO A 1 13 ? -11.828 -2.843  -0.785 1.00 44.15 ? 13  HAO A C17 1 
HETATM 119 C  C18 . HAO A 1 13 ? -10.501 -2.392  -0.713 1.00 41.65 ? 13  HAO A C18 1 
HETATM 120 C  C19 . HAO A 1 13 ? -9.506  -3.272  -0.814 1.00 37.88 ? 13  HAO A C19 1 
HETATM 121 N  N20 . HAO A 1 13 ? -8.201  -3.004  -0.752 1.00 37.84 ? 13  HAO A N20 1 
HETATM 122 C  C21 . HAO A 1 13 ? -7.621  -1.835  -0.993 1.00 40.42 ? 13  HAO A C21 1 
HETATM 123 O  O22 . HAO A 1 13 ? -8.207  -0.766  -1.066 1.00 41.84 ? 13  HAO A O22 1 
HETATM 124 C  C   . HAO A 1 13 ? -6.049  -1.827  -1.132 1.00 38.88 ? 13  HAO A C   1 
HETATM 125 O  O   . HAO A 1 13 ? -5.377  -2.859  -0.968 1.00 38.22 ? 13  HAO A O   1 
ATOM   126 N  N   . LYS A 1 14 ? -5.488  -0.665  -1.498 1.00 38.72 ? 14  LYS A N   1 
ATOM   127 C  CA  . LYS A 1 14 ? -4.027  -0.583  -1.668 1.00 33.70 ? 14  LYS A CA  1 
ATOM   128 C  C   . LYS A 1 14 ? -3.610  0.809   -1.532 1.00 33.13 ? 14  LYS A C   1 
ATOM   129 O  O   . LYS A 1 14 ? -4.444  1.666   -1.733 1.00 35.12 ? 14  LYS A O   1 
ATOM   130 C  CB  . LYS A 1 14 ? -3.691  -1.053  -3.028 1.00 35.54 ? 14  LYS A CB  1 
ATOM   131 C  CG  . LYS A 1 14 ? -4.318  -0.218  -4.106 1.00 42.15 ? 14  LYS A CG  1 
ATOM   132 C  CD  . LYS A 1 14 ? -4.160  -0.842  -5.466 1.00 48.61 ? 14  LYS A CD  1 
ATOM   133 C  CE  . LYS A 1 14 ? -5.381  -0.527  -6.334 1.00 57.08 ? 14  LYS A CE  1 
ATOM   134 N  NZ  . LYS A 1 14 ? -5.617  0.959   -6.416 1.00 60.89 ? 14  LYS A NZ  1 
HETATM 135 N  N   . HAO A 1 15 ? -2.375  1.076   -1.185 1.00 33.49 ? 15  HAO A N   1 
HETATM 136 N  N9  . HAO A 1 15 ? -2.030  2.301   -1.131 1.00 34.36 ? 15  HAO A N9  1 
HETATM 137 C  C10 . HAO A 1 15 ? -0.807  2.653   -0.871 1.00 29.52 ? 15  HAO A C10 1 
HETATM 138 O  O11 . HAO A 1 15 ? 0.063   1.864   -0.806 1.00 30.90 ? 15  HAO A O11 1 
HETATM 139 C  CA  . HAO A 1 15 ? -0.483  4.158   -0.916 1.00 28.21 ? 15  HAO A CA  1 
HETATM 140 C  C13 . HAO A 1 15 ? 0.861   4.539   -0.850 1.00 27.72 ? 15  HAO A C13 1 
HETATM 141 C  C14 . HAO A 1 15 ? -1.456  5.149   -0.959 1.00 28.64 ? 15  HAO A C14 1 
HETATM 142 C  C15 . HAO A 1 15 ? -3.588  5.728   -1.148 1.00 31.23 ? 15  HAO A C15 1 
HETATM 143 O  O15 . HAO A 1 15 ? -2.756  4.800   -1.028 1.00 30.31 ? 15  HAO A O15 1 
HETATM 144 C  C17 . HAO A 1 15 ? -1.019  6.455   -1.055 1.00 30.20 ? 15  HAO A C17 1 
HETATM 145 C  C18 . HAO A 1 15 ? 0.342   6.803   -1.037 1.00 27.36 ? 15  HAO A C18 1 
HETATM 146 C  C19 . HAO A 1 15 ? 1.289   5.834   -0.962 1.00 26.17 ? 15  HAO A C19 1 
HETATM 147 N  N20 . HAO A 1 15 ? 2.606   5.994   -0.925 1.00 26.93 ? 15  HAO A N20 1 
HETATM 148 C  C21 . HAO A 1 15 ? 3.253   6.943   -1.597 1.00 26.85 ? 15  HAO A C21 1 
HETATM 149 O  O22 . HAO A 1 15 ? 2.746   7.855   -2.237 1.00 28.98 ? 15  HAO A O22 1 
HETATM 150 C  C   . HAO A 1 15 ? 4.727   7.103   -1.307 1.00 27.88 ? 15  HAO A C   1 
HETATM 151 O  O   . HAO A 1 15 ? 5.269   6.298   -0.521 1.00 28.42 ? 15  HAO A O   1 
HETATM 152 C  CD1 . 4BF A 1 16 ? 7.280   5.481   -2.838 1.00 37.48 ? 16  4BF A CD1 1 
HETATM 153 C  CE1 . 4BF A 1 16 ? 7.378   4.199   -3.427 1.00 42.81 ? 16  4BF A CE1 1 
HETATM 154 C  CZ  . 4BF A 1 16 ? 7.747   4.150   -4.782 1.00 39.86 ? 16  4BF A CZ  1 
HETATM 155 BR BR  . 4BF A 1 16 ? 7.877   2.448   -5.469 1.00 52.99 ? 16  4BF A BR  1 
HETATM 156 C  CE2 . 4BF A 1 16 ? 7.956   5.239   -5.549 1.00 40.47 ? 16  4BF A CE2 1 
HETATM 157 C  CD2 . 4BF A 1 16 ? 7.822   6.475   -4.916 1.00 41.46 ? 16  4BF A CD2 1 
HETATM 158 C  CG  . 4BF A 1 16 ? 7.512   6.623   -3.562 1.00 36.03 ? 16  4BF A CG  1 
HETATM 159 C  CB  . 4BF A 1 16 ? 7.449   8.001   -3.000 1.00 32.59 ? 16  4BF A CB  1 
HETATM 160 C  CA  . 4BF A 1 16 ? 6.735   8.375   -1.669 1.00 30.50 ? 16  4BF A CA  1 
HETATM 161 N  N   . 4BF A 1 16 ? 5.359   8.117   -1.931 1.00 29.66 ? 16  4BF A N   1 
HETATM 162 C  C   . 4BF A 1 16 ? 7.036   9.748   -1.722 1.00 34.05 ? 16  4BF A C   1 
HETATM 163 O  O   . 4BF A 1 16 ? 6.282   10.559  -2.187 1.00 37.28 ? 16  4BF A O   1 
HETATM 164 O  O   . TBU B 2 .  ? -7.559  2.634   0.307  1.00 67.18 ? 101 TBU A O   1 
HETATM 165 C  C   . TBU B 2 .  ? -8.276  3.644   -0.447 1.00 81.15 ? 101 TBU A C   1 
HETATM 166 C  C1  . TBU B 2 .  ? -7.753  5.057   -0.253 1.00 77.80 ? 101 TBU A C1  1 
HETATM 167 C  C2  . TBU B 2 .  ? -8.249  3.372   -1.969 1.00 83.99 ? 101 TBU A C2  1 
HETATM 168 C  C3  . TBU B 2 .  ? -9.679  3.656   0.135  1.00 80.35 ? 101 TBU A C3  1 
HETATM 169 NA NA  . NA  C 3 .  ? 5.862   12.119  -4.454 0.50 63.06 ? 102 NA  A NA  1 
HETATM 170 O  O   . HOH D 4 .  ? 8.401   12.175  -5.118 1.00 49.39 ? 201 HOH A O   1 
HETATM 171 O  O   . HOH D 4 .  ? -13.500 -16.544 3.792  1.00 65.45 ? 202 HOH A O   1 
# 
loop_
_atom_site_anisotrop.id 
_atom_site_anisotrop.type_symbol 
_atom_site_anisotrop.pdbx_label_atom_id 
_atom_site_anisotrop.pdbx_label_alt_id 
_atom_site_anisotrop.pdbx_label_comp_id 
_atom_site_anisotrop.pdbx_label_asym_id 
_atom_site_anisotrop.pdbx_label_seq_id 
_atom_site_anisotrop.pdbx_PDB_ins_code 
_atom_site_anisotrop.U[1][1] 
_atom_site_anisotrop.U[2][2] 
_atom_site_anisotrop.U[3][3] 
_atom_site_anisotrop.U[1][2] 
_atom_site_anisotrop.U[1][3] 
_atom_site_anisotrop.U[2][3] 
_atom_site_anisotrop.pdbx_auth_seq_id 
_atom_site_anisotrop.pdbx_auth_comp_id 
_atom_site_anisotrop.pdbx_auth_asym_id 
_atom_site_anisotrop.pdbx_auth_atom_id 
1   N  N   . THR A 1  ? 0.4839 0.3639 0.4599 -0.0489 0.0153  0.0511 1  THR A N   
2   C  CA  . THR A 1  ? 0.5393 0.4055 0.5095 -0.0541 0.0307  0.0445 1  THR A CA  
3   C  C   . THR A 1  ? 0.5709 0.4442 0.5349 -0.0675 0.0298  0.0408 1  THR A C   
4   O  O   . THR A 1  ? 0.5830 0.4682 0.5419 -0.0840 0.0253  0.0402 1  THR A O   
5   C  CB  . THR A 1  ? 0.5828 0.4418 0.5578 -0.0610 0.0477  0.0360 1  THR A CB  
6   O  OG1 . THR A 1  ? 0.6935 0.5379 0.6615 -0.0712 0.0669  0.0259 1  THR A OG1 
7   C  CG2 . THR A 1  ? 0.5907 0.4617 0.5561 -0.0773 0.0463  0.0306 1  THR A CG2 
8   N  N   . ORN A 2  ? 1.1963 1.1282 1.2957 -0.0827 -0.0044 0.0727 2  ORN A N   
9   C  CA  . ORN A 2  ? 0.9101 0.8324 0.9555 -0.0831 -0.0037 0.0655 2  ORN A CA  
10  C  CB  . ORN A 2  ? 0.8424 0.7408 0.8623 -0.0678 0.0127  0.0526 2  ORN A CB  
11  C  CG  . ORN A 2  ? 0.8474 0.7270 0.8443 -0.0690 0.0271  0.0436 2  ORN A CG  
12  C  CD  . ORN A 2  ? 0.7872 0.6615 0.7600 -0.0756 0.0316  0.0396 2  ORN A CD  
13  N  NE  . ORN A 2  ? 0.7305 0.5958 0.6946 -0.0644 0.0332  0.0404 2  ORN A NE  
14  C  C   . ORN A 2  ? 0.9010 0.8381 0.9474 -0.0872 -0.0201 0.0760 2  ORN A C   
15  O  O   . ORN A 2  ? 0.8473 0.7981 0.9353 -0.0839 -0.0304 0.0884 2  ORN A O   
16  N  N   . GLN A 3  ? 0.7419 0.6738 0.7486 -0.0963 -0.0183 0.0702 3  GLN A N   
17  C  CA  . GLN A 3  ? 0.6027 0.5429 0.6000 -0.1032 -0.0283 0.0757 3  GLN A CA  
18  C  C   . GLN A 3  ? 0.4852 0.4178 0.4875 -0.0800 -0.0217 0.0701 3  GLN A C   
19  O  O   . GLN A 3  ? 0.4789 0.3961 0.4725 -0.0672 -0.0092 0.0611 3  GLN A O   
20  C  CB  . GLN A 3  ? 0.6405 0.5741 0.5971 -0.1282 -0.0211 0.0672 3  GLN A CB  
21  C  CG  . GLN A 3  ? 0.6838 0.5976 0.6235 -0.1200 0.0029  0.0491 3  GLN A CG  
22  C  CD  . GLN A 3  ? 0.8453 0.7444 0.7528 -0.1474 0.0236  0.0333 3  GLN A CD  
23  O  OE1 . GLN A 3  ? 0.8917 0.7740 0.7916 -0.1513 0.0484  0.0173 3  GLN A OE1 
24  N  NE2 . GLN A 3  ? 0.8774 0.7815 0.7708 -0.1695 0.0167  0.0368 3  GLN A NE2 
25  N  N   . LYS A 4  ? 0.4097 0.3537 0.4279 -0.0778 -0.0332 0.0790 4  LYS A N   
26  C  CA  . LYS A 4  ? 0.4045 0.3442 0.4310 -0.0605 -0.0298 0.0757 4  LYS A CA  
27  C  C   . LYS A 4  ? 0.3593 0.3088 0.3848 -0.0656 -0.0391 0.0814 4  LYS A C   
28  O  O   . LYS A 4  ? 0.3553 0.3180 0.3867 -0.0819 -0.0531 0.0943 4  LYS A O   
29  C  CB  . LYS A 4  ? 0.4466 0.3891 0.5101 -0.0544 -0.0291 0.0797 4  LYS A CB  
30  C  CG  . LYS A 4  ? 0.5567 0.4877 0.6244 -0.0531 -0.0163 0.0725 4  LYS A CG  
31  C  CD  . LYS A 4  ? 0.6415 0.5706 0.7544 -0.0510 -0.0054 0.0712 4  LYS A CD  
32  C  CE  . LYS A 4  ? 0.6872 0.6138 0.8273 -0.0553 0.0041  0.0699 4  LYS A CE  
33  N  NZ  . LYS A 4  ? 0.7628 0.6666 0.8573 -0.0552 0.0196  0.0541 4  LYS A NZ  
34  N  N   . LEU A 5  ? 0.3693 0.3134 0.3877 -0.0550 -0.0342 0.0750 5  LEU A N   
35  C  CA  . LEU A 5  ? 0.3880 0.3400 0.4066 -0.0586 -0.0402 0.0782 5  LEU A CA  
36  C  C   . LEU A 5  ? 0.3920 0.3413 0.4180 -0.0439 -0.0384 0.0747 5  LEU A C   
37  O  O   . LEU A 5  ? 0.4158 0.3559 0.4353 -0.0363 -0.0333 0.0703 5  LEU A O   
38  C  CB  . LEU A 5  ? 0.4283 0.3741 0.4245 -0.0703 -0.0302 0.0695 5  LEU A CB  
39  C  CG  . LEU A 5  ? 0.4528 0.4019 0.4417 -0.0808 -0.0296 0.0682 5  LEU A CG  
40  C  CD1 . LEU A 5  ? 0.4816 0.4428 0.4658 -0.0990 -0.0473 0.0831 5  LEU A CD1 
41  C  CD2 . LEU A 5  ? 0.4981 0.4335 0.4656 -0.0991 -0.0079 0.0529 5  LEU A CD2 
42  N  N   . VAL A 6  ? 0.3868 0.3438 0.4274 -0.0430 -0.0446 0.0794 6  VAL A N   
43  C  CA  . VAL A 6  ? 0.3887 0.3434 0.4301 -0.0351 -0.0434 0.0752 6  VAL A CA  
44  C  C   . VAL A 6  ? 0.3611 0.3253 0.4115 -0.0378 -0.0487 0.0789 6  VAL A C   
45  O  O   . VAL A 6  ? 0.3585 0.3305 0.4219 -0.0456 -0.0552 0.0887 6  VAL A O   
46  C  CB  . VAL A 6  ? 0.4438 0.3904 0.4923 -0.0344 -0.0366 0.0709 6  VAL A CB  
47  C  CG1 . VAL A 6  ? 0.5067 0.4407 0.5403 -0.0355 -0.0299 0.0666 6  VAL A CG1 
48  C  CG2 . VAL A 6  ? 0.4727 0.4235 0.5572 -0.0366 -0.0331 0.0752 6  VAL A CG2 
49  N  N   . PHE A 7  ? 0.3565 0.3213 0.4040 -0.0336 -0.0487 0.0750 7  PHE A N   
50  C  CA  . PHE A 7  ? 0.3813 0.3537 0.4374 -0.0358 -0.0517 0.0767 7  PHE A CA  
51  C  C   . PHE A 7  ? 0.3580 0.3308 0.4157 -0.0319 -0.0529 0.0727 7  PHE A C   
52  O  O   . PHE A 7  ? 0.3556 0.3251 0.4060 -0.0303 -0.0555 0.0724 7  PHE A O   
53  C  CB  . PHE A 7  ? 0.4078 0.3828 0.4564 -0.0443 -0.0494 0.0757 7  PHE A CB  
54  C  CG  . PHE A 7  ? 0.4371 0.4103 0.4917 -0.0392 -0.0421 0.0687 7  PHE A CG  
55  C  CD1 . PHE A 7  ? 0.4584 0.4375 0.5266 -0.0358 -0.0439 0.0677 7  PHE A CD1 
56  C  CD2 . PHE A 7  ? 0.4803 0.4461 0.5379 -0.0365 -0.0338 0.0652 7  PHE A CD2 
57  C  CE1 . PHE A 7  ? 0.4635 0.4443 0.5549 -0.0301 -0.0399 0.0662 7  PHE A CE1 
58  C  CE2 . PHE A 7  ? 0.4830 0.4485 0.5685 -0.0299 -0.0274 0.0639 7  PHE A CE2 
59  C  CZ  . PHE A 7  ? 0.4623 0.4367 0.5678 -0.0265 -0.0322 0.0661 7  PHE A CZ  
60  N  N   . PHE A 8  ? 0.3560 0.3334 0.4242 -0.0340 -0.0531 0.0729 8  PHE A N   
61  C  CA  A PHE A 8  ? 0.3689 0.3474 0.4361 -0.0357 -0.0540 0.0683 8  PHE A CA  
62  C  CA  B PHE A 8  ? 0.3652 0.3440 0.4322 -0.0356 -0.0543 0.0685 8  PHE A CA  
63  C  C   . PHE A 8  ? 0.3481 0.3345 0.4270 -0.0363 -0.0549 0.0692 8  PHE A C   
64  O  O   . PHE A 8  ? 0.3736 0.3609 0.4634 -0.0386 -0.0536 0.0741 8  PHE A O   
65  C  CB  A PHE A 8  ? 0.3962 0.3642 0.4629 -0.0425 -0.0440 0.0614 8  PHE A CB  
66  C  CB  B PHE A 8  ? 0.3916 0.3599 0.4546 -0.0430 -0.0454 0.0613 8  PHE A CB  
67  C  CG  A PHE A 8  ? 0.4321 0.3886 0.4855 -0.0457 -0.0384 0.0582 8  PHE A CG  
68  C  CG  B PHE A 8  ? 0.4271 0.3949 0.4795 -0.0532 -0.0456 0.0551 8  PHE A CG  
69  C  CD1 A PHE A 8  ? 0.4744 0.4244 0.4974 -0.0545 -0.0438 0.0570 8  PHE A CD1 
70  C  CD1 B PHE A 8  ? 0.4562 0.4236 0.4825 -0.0640 -0.0571 0.0575 8  PHE A CD1 
71  C  CD2 A PHE A 8  ? 0.4510 0.4038 0.5247 -0.0424 -0.0303 0.0599 8  PHE A CD2 
72  C  CD2 B PHE A 8  ? 0.4327 0.4017 0.5023 -0.0555 -0.0376 0.0505 8  PHE A CD2 
73  C  CE1 A PHE A 8  ? 0.5219 0.4586 0.5272 -0.0601 -0.0378 0.0544 8  PHE A CE1 
74  C  CE1 B PHE A 8  ? 0.4714 0.4407 0.4832 -0.0801 -0.0626 0.0551 8  PHE A CE1 
75  C  CE2 A PHE A 8  ? 0.4724 0.4138 0.5356 -0.0457 -0.0226 0.0553 8  PHE A CE2 
76  C  CE2 B PHE A 8  ? 0.4552 0.4232 0.5106 -0.0689 -0.0369 0.0429 8  PHE A CE2 
77  C  CZ  A PHE A 8  ? 0.4978 0.4293 0.5228 -0.0548 -0.0246 0.0508 8  PHE A CZ  
78  C  CZ  B PHE A 8  ? 0.4678 0.4369 0.4917 -0.0828 -0.0506 0.0453 8  PHE A CZ  
79  N  N   . ALA A 9  ? 0.3539 0.3470 0.4362 -0.0360 -0.0586 0.0676 9  ALA A N   
80  C  CA  . ALA A 9  ? 0.3534 0.3525 0.4460 -0.0380 -0.0567 0.0660 9  ALA A CA  
81  C  C   . ALA A 9  ? 0.3462 0.3514 0.4440 -0.0407 -0.0616 0.0636 9  ALA A C   
82  O  O   . ALA A 9  ? 0.3848 0.3951 0.4875 -0.0406 -0.0706 0.0681 9  ALA A O   
83  C  CB  . ALA A 9  ? 0.3920 0.3924 0.4893 -0.0389 -0.0511 0.0647 9  ALA A CB  
84  N  N   . GLU A 10 ? 0.3748 0.3800 0.4752 -0.0455 -0.0575 0.0596 10 GLU A N   
85  C  CA  . GLU A 10 ? 0.4215 0.4334 0.5246 -0.0529 -0.0616 0.0559 10 GLU A CA  
86  C  C   . GLU A 10 ? 0.3998 0.4165 0.5183 -0.0527 -0.0561 0.0531 10 GLU A C   
87  O  O   . GLU A 10 ? 0.3730 0.3838 0.4941 -0.0522 -0.0486 0.0539 10 GLU A O   
88  C  CB  . GLU A 10 ? 0.5438 0.5451 0.6289 -0.0662 -0.0551 0.0477 10 GLU A CB  
89  C  CG  . GLU A 10 ? 0.7051 0.7119 0.7761 -0.0845 -0.0637 0.0448 10 GLU A CG  
90  C  CD  . GLU A 10 ? 0.9204 0.9091 0.9630 -0.1082 -0.0476 0.0292 10 GLU A CD  
91  O  OE1 . GLU A 10 ? 1.1075 1.0825 1.1655 -0.1068 -0.0229 0.0174 10 GLU A OE1 
92  O  OE2 . GLU A 10 ? 1.0658 1.0531 1.0735 -0.1329 -0.0586 0.0297 10 GLU A OE2 
93  N  N   . ASP A 11 ? 0.4480 0.4761 0.5811 -0.0547 -0.0614 0.0528 11 ASP A N   
94  C  CA  . ASP A 11 ? 0.4701 0.5018 0.6154 -0.0577 -0.0546 0.0477 11 ASP A CA  
95  C  C   . ASP A 11 ? 0.4855 0.5274 0.6348 -0.0685 -0.0639 0.0459 11 ASP A C   
96  O  O   . ASP A 11 ? 0.4696 0.5269 0.6426 -0.0694 -0.0772 0.0536 11 ASP A O   
97  C  CB  . ASP A 11 ? 0.5201 0.5553 0.6853 -0.0538 -0.0473 0.0467 11 ASP A CB  
98  C  CG  . ASP A 11 ? 0.5449 0.5796 0.7173 -0.0600 -0.0363 0.0402 11 ASP A CG  
99  O  OD1 . ASP A 11 ? 0.5720 0.6070 0.7411 -0.0644 -0.0370 0.0380 11 ASP A OD1 
100 O  OD2 . ASP A 11 ? 0.5815 0.6126 0.7626 -0.0633 -0.0228 0.0349 11 ASP A OD2 
101 N  N   . ORN A 12 ? 0.5667 0.6469 0.6791 -0.1438 -0.1430 0.0799 12 ORN A N   
102 C  CA  . ORN A 12 ? 0.5357 0.6051 0.6663 -0.1129 -0.1190 0.0697 12 ORN A CA  
103 C  CB  . ORN A 12 ? 0.5545 0.5983 0.6447 -0.1146 -0.0950 0.0518 12 ORN A CB  
104 C  CG  . ORN A 12 ? 0.5675 0.6004 0.6543 -0.1182 -0.0718 0.0337 12 ORN A CG  
105 C  CD  . ORN A 12 ? 0.5353 0.5741 0.6565 -0.0989 -0.0635 0.0334 12 ORN A CD  
106 N  NE  . ORN A 12 ? 0.5204 0.5534 0.6514 -0.0797 -0.0569 0.0376 12 ORN A NE  
107 C  C   . ORN A 12 ? 0.5605 0.6348 0.7149 -0.0983 -0.1302 0.0863 12 ORN A C   
108 O  O   . ORN A 12 ? 0.7220 0.7925 0.8487 -0.1118 -0.1455 0.0969 12 ORN A O   
109 N  N   . HAO A 13 ? 0.4789 0.5567 0.6773 -0.0755 -0.1182 0.0857 13 HAO A N   
110 N  N9  . HAO A 13 ? 0.4383 0.5167 0.6620 -0.0638 -0.1203 0.0957 13 HAO A N9  
111 C  C10 . HAO A 13 ? 0.3935 0.4552 0.5874 -0.0562 -0.1076 0.0882 13 HAO A C10 
112 O  O11 . HAO A 13 ? 0.4130 0.4611 0.5657 -0.0600 -0.0972 0.0758 13 HAO A O11 
113 C  CA  . HAO A 13 ? 0.4076 0.4668 0.6258 -0.0446 -0.1065 0.0970 13 HAO A CA  
114 C  C13 . HAO A 13 ? 0.4304 0.4735 0.6133 -0.0407 -0.0975 0.0911 13 HAO A C13 
115 C  C14 . HAO A 13 ? 0.4335 0.5049 0.7152 -0.0381 -0.1111 0.1106 13 HAO A C14 
116 C  C15 . HAO A 13 ? 0.5166 0.6248 0.9120 -0.0424 -0.1424 0.1460 13 HAO A C15 
117 O  O15 . HAO A 13 ? 0.4763 0.5648 0.7988 -0.0424 -0.1198 0.1171 13 HAO A O15 
118 C  C17 . HAO A 13 ? 0.4343 0.4996 0.7434 -0.0280 -0.1042 0.1166 13 HAO A C17 
119 C  C18 . HAO A 13 ? 0.4241 0.4722 0.6862 -0.0257 -0.0958 0.1088 13 HAO A C18 
120 C  C19 . HAO A 13 ? 0.4000 0.4384 0.6007 -0.0318 -0.0938 0.0969 13 HAO A C19 
121 N  N20 . HAO A 13 ? 0.4169 0.4411 0.5798 -0.0307 -0.0865 0.0904 13 HAO A N20 
122 C  C21 . HAO A 13 ? 0.4516 0.4691 0.6150 -0.0266 -0.0871 0.0965 13 HAO A C21 
123 O  O22 . HAO A 13 ? 0.4541 0.4756 0.6601 -0.0210 -0.0898 0.1082 13 HAO A O22 
124 C  C   . HAO A 13 ? 0.4525 0.4555 0.5694 -0.0286 -0.0812 0.0888 13 HAO A C   
125 O  O   . HAO A 13 ? 0.4536 0.4522 0.5463 -0.0326 -0.0753 0.0793 13 HAO A O   
126 N  N   . LYS A 14 ? 0.4535 0.4494 0.5681 -0.0260 -0.0828 0.0951 14 LYS A N   
127 C  CA  . LYS A 14 ? 0.4060 0.3892 0.4853 -0.0283 -0.0763 0.0883 14 LYS A CA  
128 C  C   . LYS A 14 ? 0.3984 0.3748 0.4857 -0.0226 -0.0717 0.0919 14 LYS A C   
129 O  O   . LYS A 14 ? 0.4115 0.3916 0.5315 -0.0187 -0.0771 0.1037 14 LYS A O   
130 C  CB  . LYS A 14 ? 0.4416 0.4192 0.4897 -0.0417 -0.0858 0.0905 14 LYS A CB  
131 C  CG  . LYS A 14 ? 0.5247 0.5041 0.5727 -0.0504 -0.1061 0.1095 14 LYS A CG  
132 C  CD  . LYS A 14 ? 0.6250 0.5959 0.6263 -0.0765 -0.1153 0.1101 14 LYS A CD  
133 C  CE  . LYS A 14 ? 0.7259 0.7090 0.7339 -0.0929 -0.1467 0.1365 14 LYS A CE  
134 N  NZ  . LYS A 14 ? 0.7614 0.7482 0.8040 -0.0839 -0.1619 0.1615 14 LYS A NZ  
135 N  N   . HAO A 15 ? 0.4127 0.3799 0.4799 -0.0226 -0.0618 0.0843 15 HAO A N   
136 N  N9  . HAO A 15 ? 0.4244 0.3845 0.4966 -0.0195 -0.0567 0.0864 15 HAO A N9  
137 C  C10 . HAO A 15 ? 0.3720 0.3242 0.4255 -0.0212 -0.0488 0.0802 15 HAO A C10 
138 O  O11 . HAO A 15 ? 0.3945 0.3466 0.4330 -0.0250 -0.0482 0.0758 15 HAO A O11 
139 C  CA  . HAO A 15 ? 0.3567 0.2988 0.4163 -0.0185 -0.0415 0.0822 15 HAO A CA  
140 C  C13 . HAO A 15 ? 0.3603 0.2946 0.3985 -0.0220 -0.0356 0.0768 15 HAO A C13 
141 C  C14 . HAO A 15 ? 0.3505 0.2912 0.4464 -0.0128 -0.0385 0.0900 15 HAO A C14 
142 C  C15 . HAO A 15 ? 0.3521 0.3026 0.5318 -0.0036 -0.0428 0.1092 15 HAO A C15 
143 O  O15 . HAO A 15 ? 0.3572 0.3079 0.4867 -0.0096 -0.0452 0.0978 15 HAO A O15 
144 C  C17 . HAO A 15 ? 0.3715 0.3005 0.4755 -0.0108 -0.0294 0.0917 15 HAO A C17 
145 C  C18 . HAO A 15 ? 0.3496 0.2695 0.4203 -0.0153 -0.0237 0.0839 15 HAO A C18 
146 C  C19 . HAO A 15 ? 0.3438 0.2675 0.3831 -0.0209 -0.0279 0.0772 15 HAO A C19 
147 N  N20 . HAO A 15 ? 0.3616 0.2804 0.3811 -0.0256 -0.0239 0.0719 15 HAO A N20 
148 C  C21 . HAO A 15 ? 0.3671 0.2743 0.3786 -0.0253 -0.0209 0.0738 15 HAO A C21 
149 O  O22 . HAO A 15 ? 0.3936 0.2927 0.4148 -0.0216 -0.0223 0.0828 15 HAO A O22 
150 C  C   . HAO A 15 ? 0.3857 0.2901 0.3837 -0.0315 -0.0142 0.0665 15 HAO A C   
151 O  O   . HAO A 15 ? 0.3883 0.3033 0.3883 -0.0372 -0.0165 0.0642 15 HAO A O   
152 C  CD1 . 4BF A 16 ? 0.5095 0.4081 0.5066 -0.0408 -0.0078 0.0587 16 4BF A CD1 
153 C  CE1 . 4BF A 16 ? 0.5740 0.4714 0.5812 -0.0443 -0.0030 0.0544 16 4BF A CE1 
154 C  CZ  . 4BF A 16 ? 0.5501 0.4272 0.5374 -0.0549 0.0111  0.0447 16 4BF A CZ  
155 BR BR  . 4BF A 16 ? 0.7135 0.5831 0.7169 -0.0659 0.0292  0.0318 16 4BF A BR  
156 C  CE2 . 4BF A 16 ? 0.5736 0.4342 0.5299 -0.0614 0.0147  0.0437 16 4BF A CE2 
157 C  CD2 . 4BF A 16 ? 0.5848 0.4501 0.5402 -0.0524 0.0059  0.0521 16 4BF A CD2 
158 C  CG  . 4BF A 16 ? 0.5032 0.3861 0.4797 -0.0428 -0.0022 0.0573 16 4BF A CG  
159 C  CB  . 4BF A 16 ? 0.4617 0.3418 0.4349 -0.0399 -0.0009 0.0596 16 4BF A CB  
160 C  CA  . 4BF A 16 ? 0.4287 0.3183 0.4120 -0.0380 -0.0019 0.0602 16 4BF A CA  
161 N  N   . 4BF A 16 ? 0.4153 0.3067 0.4049 -0.0318 -0.0085 0.0665 16 4BF A N   
162 C  C   . 4BF A 16 ? 0.4794 0.3562 0.4581 -0.0390 0.0086  0.0580 16 4BF A C   
163 O  O   . 4BF A 16 ? 0.5219 0.3884 0.5061 -0.0336 0.0108  0.0637 16 4BF A O   
# 
loop_
_pdbx_poly_seq_scheme.asym_id 
_pdbx_poly_seq_scheme.entity_id 
_pdbx_poly_seq_scheme.seq_id 
_pdbx_poly_seq_scheme.mon_id 
_pdbx_poly_seq_scheme.ndb_seq_num 
_pdbx_poly_seq_scheme.pdb_seq_num 
_pdbx_poly_seq_scheme.auth_seq_num 
_pdbx_poly_seq_scheme.pdb_mon_id 
_pdbx_poly_seq_scheme.auth_mon_id 
_pdbx_poly_seq_scheme.pdb_strand_id 
_pdbx_poly_seq_scheme.pdb_ins_code 
_pdbx_poly_seq_scheme.hetero 
A 1 1  THR 1  1  1  THR THR A . n 
A 1 2  ORN 2  2  2  ORN ORN A . n 
A 1 3  GLN 3  3  3  GLN GLN A . n 
A 1 4  LYS 4  4  4  LYS LYS A . n 
A 1 5  LEU 5  5  5  LEU LEU A . n 
A 1 6  VAL 6  6  6  VAL VAL A . n 
A 1 7  PHE 7  7  7  PHE PHE A . n 
A 1 8  PHE 8  8  8  PHE PHE A . n 
A 1 9  ALA 9  9  9  ALA ALA A . n 
A 1 10 GLU 10 10 10 GLU GLU A . n 
A 1 11 ASP 11 11 11 ASP ASP A . n 
A 1 12 ORN 12 12 12 ORN ORN A . n 
A 1 13 HAO 13 13 13 HAO HAO A . n 
A 1 14 LYS 14 14 14 LYS LYS A . n 
A 1 15 HAO 15 15 15 HAO HAO A . n 
A 1 16 4BF 16 16 16 4BF 4BF A . n 
# 
loop_
_pdbx_nonpoly_scheme.asym_id 
_pdbx_nonpoly_scheme.entity_id 
_pdbx_nonpoly_scheme.mon_id 
_pdbx_nonpoly_scheme.ndb_seq_num 
_pdbx_nonpoly_scheme.pdb_seq_num 
_pdbx_nonpoly_scheme.auth_seq_num 
_pdbx_nonpoly_scheme.pdb_mon_id 
_pdbx_nonpoly_scheme.auth_mon_id 
_pdbx_nonpoly_scheme.pdb_strand_id 
_pdbx_nonpoly_scheme.pdb_ins_code 
B 2 TBU 1 101 1 TBU TBU A . 
C 3 NA  1 102 1 NA  NA  A . 
D 4 HOH 1 201 1 HOH HOH A . 
D 4 HOH 2 202 2 HOH HOH A . 
# 
loop_
_pdbx_struct_mod_residue.id 
_pdbx_struct_mod_residue.label_asym_id 
_pdbx_struct_mod_residue.label_comp_id 
_pdbx_struct_mod_residue.label_seq_id 
_pdbx_struct_mod_residue.auth_asym_id 
_pdbx_struct_mod_residue.auth_comp_id 
_pdbx_struct_mod_residue.auth_seq_id 
_pdbx_struct_mod_residue.PDB_ins_code 
_pdbx_struct_mod_residue.parent_comp_id 
_pdbx_struct_mod_residue.details 
1 A ORN 2  A ORN 2  ? ALA L-ORNITHINE             
2 A ORN 12 A ORN 12 ? ALA L-ORNITHINE             
3 A 4BF 16 A 4BF 16 ? TYR 4-BROMO-L-PHENYLALANINE 
# 
_pdbx_struct_assembly.id                   1 
_pdbx_struct_assembly.details              author_defined_assembly 
_pdbx_struct_assembly.method_details       ? 
_pdbx_struct_assembly.oligomeric_details   tetrameric 
_pdbx_struct_assembly.oligomeric_count     4 
# 
_pdbx_struct_assembly_gen.assembly_id       1 
_pdbx_struct_assembly_gen.oper_expression   1,2,3,4 
_pdbx_struct_assembly_gen.asym_id_list      A,B,C,D 
# 
loop_
_pdbx_struct_assembly_prop.biol_id 
_pdbx_struct_assembly_prop.type 
_pdbx_struct_assembly_prop.value 
_pdbx_struct_assembly_prop.details 
1 'ABSA (A^2)' 1000 ? 
1 MORE         -8   ? 
1 'SSA (A^2)'  3910 ? 
# 
loop_
_pdbx_struct_oper_list.id 
_pdbx_struct_oper_list.type 
_pdbx_struct_oper_list.name 
_pdbx_struct_oper_list.symmetry_operation 
_pdbx_struct_oper_list.matrix[1][1] 
_pdbx_struct_oper_list.matrix[1][2] 
_pdbx_struct_oper_list.matrix[1][3] 
_pdbx_struct_oper_list.vector[1] 
_pdbx_struct_oper_list.matrix[2][1] 
_pdbx_struct_oper_list.matrix[2][2] 
_pdbx_struct_oper_list.matrix[2][3] 
_pdbx_struct_oper_list.vector[2] 
_pdbx_struct_oper_list.matrix[3][1] 
_pdbx_struct_oper_list.matrix[3][2] 
_pdbx_struct_oper_list.matrix[3][3] 
_pdbx_struct_oper_list.vector[3] 
1 'identity operation'         1_555  x,y,z          1.0000000000  0.0000000000  0.0000000000  0.0000000000 0.0000000000  1.0000000000  0.0000000000  0.0000000000  0.0000000000  0.0000000000  1.0000000000  0.0000000000  
2 'crystal symmetry operation' 4_665  -x+1,-y+1,z    0.5227026539  -0.0314747363 0.8519338452  3.4809233514 -0.0314747363 -0.9993494074 -0.0176097369 -9.1163192907 0.8519338452  -0.0176097369 -0.5233532464 -6.5584258707 
3 'crystal symmetry operation' 7_556  y,x,-z+1       -0.9231202952 0.3639807163  -0.1239635378 9.3513716317 0.3639807163  0.7232371304  -0.5868952986 -3.9177970841 -0.1239635378 -0.5868952986 -0.8001168351 -5.7038699540 
4 'crystal symmetry operation' 10_666 -y+1,-x+1,-z+1 -0.5995823586 -0.3325059800 -0.7279703074 3.6329018882 -0.3325059800 -0.7238877229 0.6045050354  -5.3949594030 -0.7279703074 0.6045050354  0.3234700816  4.4624543550 
# 
_pdbx_struct_special_symmetry.id              1 
_pdbx_struct_special_symmetry.PDB_model_num   1 
_pdbx_struct_special_symmetry.auth_asym_id    A 
_pdbx_struct_special_symmetry.auth_comp_id    NA 
_pdbx_struct_special_symmetry.auth_seq_id     102 
_pdbx_struct_special_symmetry.PDB_ins_code    ? 
_pdbx_struct_special_symmetry.label_asym_id   C 
_pdbx_struct_special_symmetry.label_comp_id   NA 
_pdbx_struct_special_symmetry.label_seq_id    . 
# 
_pdbx_struct_conn_angle.id                    1 
_pdbx_struct_conn_angle.ptnr1_label_atom_id   O 
_pdbx_struct_conn_angle.ptnr1_label_alt_id    ? 
_pdbx_struct_conn_angle.ptnr1_label_asym_id   A 
_pdbx_struct_conn_angle.ptnr1_label_comp_id   4BF 
_pdbx_struct_conn_angle.ptnr1_label_seq_id    16 
_pdbx_struct_conn_angle.ptnr1_auth_atom_id    ? 
_pdbx_struct_conn_angle.ptnr1_auth_asym_id    A 
_pdbx_struct_conn_angle.ptnr1_auth_comp_id    4BF 
_pdbx_struct_conn_angle.ptnr1_auth_seq_id     16 
_pdbx_struct_conn_angle.ptnr1_PDB_ins_code    ? 
_pdbx_struct_conn_angle.ptnr1_symmetry        1_555 
_pdbx_struct_conn_angle.ptnr2_label_atom_id   NA 
_pdbx_struct_conn_angle.ptnr2_label_alt_id    ? 
_pdbx_struct_conn_angle.ptnr2_label_asym_id   C 
_pdbx_struct_conn_angle.ptnr2_label_comp_id   NA 
_pdbx_struct_conn_angle.ptnr2_label_seq_id    . 
_pdbx_struct_conn_angle.ptnr2_auth_atom_id    ? 
_pdbx_struct_conn_angle.ptnr2_auth_asym_id    A 
_pdbx_struct_conn_angle.ptnr2_auth_comp_id    NA 
_pdbx_struct_conn_angle.ptnr2_auth_seq_id     102 
_pdbx_struct_conn_angle.ptnr2_PDB_ins_code    ? 
_pdbx_struct_conn_angle.ptnr2_symmetry        1_555 
_pdbx_struct_conn_angle.ptnr3_label_atom_id   O 
_pdbx_struct_conn_angle.ptnr3_label_alt_id    ? 
_pdbx_struct_conn_angle.ptnr3_label_asym_id   D 
_pdbx_struct_conn_angle.ptnr3_label_comp_id   HOH 
_pdbx_struct_conn_angle.ptnr3_label_seq_id    . 
_pdbx_struct_conn_angle.ptnr3_auth_atom_id    ? 
_pdbx_struct_conn_angle.ptnr3_auth_asym_id    A 
_pdbx_struct_conn_angle.ptnr3_auth_comp_id    HOH 
_pdbx_struct_conn_angle.ptnr3_auth_seq_id     201 
_pdbx_struct_conn_angle.ptnr3_PDB_ins_code    ? 
_pdbx_struct_conn_angle.ptnr3_symmetry        1_555 
_pdbx_struct_conn_angle.value                 94.1 
_pdbx_struct_conn_angle.value_esd             ? 
# 
loop_
_pdbx_audit_revision_history.ordinal 
_pdbx_audit_revision_history.data_content_type 
_pdbx_audit_revision_history.major_revision 
_pdbx_audit_revision_history.minor_revision 
_pdbx_audit_revision_history.revision_date 
1 'Structure model' 1 0 2013-07-31 
2 'Structure model' 2 0 2023-11-15 
# 
_pdbx_audit_revision_details.ordinal             1 
_pdbx_audit_revision_details.revision_ordinal    1 
_pdbx_audit_revision_details.data_content_type   'Structure model' 
_pdbx_audit_revision_details.provider            repository 
_pdbx_audit_revision_details.type                'Initial release' 
_pdbx_audit_revision_details.description         ? 
_pdbx_audit_revision_details.details             ? 
# 
loop_
_pdbx_audit_revision_group.ordinal 
_pdbx_audit_revision_group.revision_ordinal 
_pdbx_audit_revision_group.data_content_type 
_pdbx_audit_revision_group.group 
1 2 'Structure model' Advisory               
2 2 'Structure model' 'Atomic model'         
3 2 'Structure model' 'Data collection'      
4 2 'Structure model' 'Database references'  
5 2 'Structure model' 'Derived calculations' 
# 
loop_
_pdbx_audit_revision_category.ordinal 
_pdbx_audit_revision_category.revision_ordinal 
_pdbx_audit_revision_category.data_content_type 
_pdbx_audit_revision_category.category 
1  2 'Structure model' atom_site                      
2  2 'Structure model' atom_site_anisotrop            
3  2 'Structure model' chem_comp_atom                 
4  2 'Structure model' chem_comp_bond                 
5  2 'Structure model' database_2                     
6  2 'Structure model' pdbx_struct_conn_angle         
7  2 'Structure model' pdbx_validate_main_chain_plane 
8  2 'Structure model' pdbx_validate_polymer_linkage  
9  2 'Structure model' pdbx_validate_rmsd_angle       
10 2 'Structure model' struct_conn                    
11 2 'Structure model' struct_site                    
# 
loop_
_pdbx_audit_revision_item.ordinal 
_pdbx_audit_revision_item.revision_ordinal 
_pdbx_audit_revision_item.data_content_type 
_pdbx_audit_revision_item.item 
1  2 'Structure model' '_atom_site.auth_atom_id'                     
2  2 'Structure model' '_atom_site.label_atom_id'                    
3  2 'Structure model' '_atom_site_anisotrop.pdbx_auth_atom_id'      
4  2 'Structure model' '_atom_site_anisotrop.pdbx_label_atom_id'     
5  2 'Structure model' '_database_2.pdbx_DOI'                        
6  2 'Structure model' '_database_2.pdbx_database_accession'         
7  2 'Structure model' '_pdbx_struct_conn_angle.ptnr1_auth_comp_id'  
8  2 'Structure model' '_pdbx_struct_conn_angle.ptnr1_auth_seq_id'   
9  2 'Structure model' '_pdbx_struct_conn_angle.ptnr1_label_asym_id' 
10 2 'Structure model' '_pdbx_struct_conn_angle.ptnr1_label_comp_id' 
11 2 'Structure model' '_pdbx_struct_conn_angle.ptnr1_label_seq_id'  
12 2 'Structure model' '_pdbx_struct_conn_angle.ptnr3_auth_comp_id'  
13 2 'Structure model' '_pdbx_struct_conn_angle.ptnr3_auth_seq_id'   
14 2 'Structure model' '_pdbx_struct_conn_angle.ptnr3_label_asym_id' 
15 2 'Structure model' '_pdbx_struct_conn_angle.ptnr3_label_comp_id' 
16 2 'Structure model' '_pdbx_struct_conn_angle.ptnr3_label_seq_id'  
17 2 'Structure model' '_struct_conn.pdbx_dist_value'                
18 2 'Structure model' '_struct_conn.pdbx_leaving_atom_flag'         
19 2 'Structure model' '_struct_conn.ptnr1_auth_comp_id'             
20 2 'Structure model' '_struct_conn.ptnr1_auth_seq_id'              
21 2 'Structure model' '_struct_conn.ptnr1_label_asym_id'            
22 2 'Structure model' '_struct_conn.ptnr1_label_atom_id'            
23 2 'Structure model' '_struct_conn.ptnr1_label_comp_id'            
24 2 'Structure model' '_struct_conn.ptnr1_label_seq_id'             
25 2 'Structure model' '_struct_conn.ptnr2_auth_comp_id'             
26 2 'Structure model' '_struct_conn.ptnr2_auth_seq_id'              
27 2 'Structure model' '_struct_conn.ptnr2_label_asym_id'            
28 2 'Structure model' '_struct_conn.ptnr2_label_atom_id'            
29 2 'Structure model' '_struct_conn.ptnr2_label_comp_id'            
30 2 'Structure model' '_struct_conn.ptnr2_label_seq_id'             
31 2 'Structure model' '_struct_site.pdbx_auth_asym_id'              
32 2 'Structure model' '_struct_site.pdbx_auth_comp_id'              
33 2 'Structure model' '_struct_site.pdbx_auth_seq_id'               
# 
_pdbx_refine_tls.pdbx_refine_id   'X-RAY DIFFRACTION' 
_pdbx_refine_tls.id               1 
_pdbx_refine_tls.details          ? 
_pdbx_refine_tls.method           refined 
_pdbx_refine_tls.origin_x         0.1988 
_pdbx_refine_tls.origin_y         0.8377 
_pdbx_refine_tls.origin_z         -0.4664 
_pdbx_refine_tls.T[1][1]          0.1657 
_pdbx_refine_tls.T[2][2]          0.1229 
_pdbx_refine_tls.T[3][3]          0.2050 
_pdbx_refine_tls.T[1][2]          -0.0275 
_pdbx_refine_tls.T[1][3]          -0.0487 
_pdbx_refine_tls.T[2][3]          0.0736 
_pdbx_refine_tls.L[1][1]          5.4259 
_pdbx_refine_tls.L[2][2]          7.3679 
_pdbx_refine_tls.L[3][3]          1.1761 
_pdbx_refine_tls.L[1][2]          5.6191 
_pdbx_refine_tls.L[1][3]          -1.9094 
_pdbx_refine_tls.L[2][3]          -1.1482 
_pdbx_refine_tls.S[1][1]          0.0495 
_pdbx_refine_tls.S[1][2]          0.0462 
_pdbx_refine_tls.S[1][3]          0.0700 
_pdbx_refine_tls.S[2][1]          -0.1573 
_pdbx_refine_tls.S[2][2]          0.0135 
_pdbx_refine_tls.S[2][3]          0.1814 
_pdbx_refine_tls.S[3][1]          -0.1147 
_pdbx_refine_tls.S[3][2]          -0.1050 
_pdbx_refine_tls.S[3][3]          -0.0632 
# 
loop_
_pdbx_refine_tls_group.pdbx_refine_id 
_pdbx_refine_tls_group.id 
_pdbx_refine_tls_group.refine_tls_id 
_pdbx_refine_tls_group.beg_auth_asym_id 
_pdbx_refine_tls_group.beg_auth_seq_id 
_pdbx_refine_tls_group.end_auth_asym_id 
_pdbx_refine_tls_group.end_auth_seq_id 
_pdbx_refine_tls_group.selection_details 
_pdbx_refine_tls_group.beg_label_asym_id 
_pdbx_refine_tls_group.beg_label_seq_id 
_pdbx_refine_tls_group.end_label_asym_id 
_pdbx_refine_tls_group.end_label_seq_id 
_pdbx_refine_tls_group.selection 
'X-RAY DIFFRACTION' 1 1 A 1  A 14 ? . . . . ? 
'X-RAY DIFFRACTION' 2 1 A 15 A 16 ? . . . . ? 
# 
loop_
_software.name 
_software.classification 
_software.version 
_software.citation_id 
_software.pdbx_ordinal 
HKL-2000 'data collection' .        ? 1 
AutoSol  phasing           .        ? 2 
REFMAC   refinement        5.7.0032 ? 3 
HKL-2000 'data reduction'  .        ? 4 
HKL-2000 'data scaling'    .        ? 5 
# 
_pdbx_validate_close_contact.id               1 
_pdbx_validate_close_contact.PDB_model_num    1 
_pdbx_validate_close_contact.auth_atom_id_1   N 
_pdbx_validate_close_contact.auth_asym_id_1   A 
_pdbx_validate_close_contact.auth_comp_id_1   THR 
_pdbx_validate_close_contact.auth_seq_id_1    1 
_pdbx_validate_close_contact.PDB_ins_code_1   ? 
_pdbx_validate_close_contact.label_alt_id_1   ? 
_pdbx_validate_close_contact.auth_atom_id_2   O 
_pdbx_validate_close_contact.auth_asym_id_2   A 
_pdbx_validate_close_contact.auth_comp_id_2   4BF 
_pdbx_validate_close_contact.auth_seq_id_2    16 
_pdbx_validate_close_contact.PDB_ins_code_2   ? 
_pdbx_validate_close_contact.label_alt_id_2   ? 
_pdbx_validate_close_contact.dist             2.19 
# 
loop_
_pdbx_validate_rmsd_angle.id 
_pdbx_validate_rmsd_angle.PDB_model_num 
_pdbx_validate_rmsd_angle.auth_atom_id_1 
_pdbx_validate_rmsd_angle.auth_asym_id_1 
_pdbx_validate_rmsd_angle.auth_comp_id_1 
_pdbx_validate_rmsd_angle.auth_seq_id_1 
_pdbx_validate_rmsd_angle.PDB_ins_code_1 
_pdbx_validate_rmsd_angle.label_alt_id_1 
_pdbx_validate_rmsd_angle.auth_atom_id_2 
_pdbx_validate_rmsd_angle.auth_asym_id_2 
_pdbx_validate_rmsd_angle.auth_comp_id_2 
_pdbx_validate_rmsd_angle.auth_seq_id_2 
_pdbx_validate_rmsd_angle.PDB_ins_code_2 
_pdbx_validate_rmsd_angle.label_alt_id_2 
_pdbx_validate_rmsd_angle.auth_atom_id_3 
_pdbx_validate_rmsd_angle.auth_asym_id_3 
_pdbx_validate_rmsd_angle.auth_comp_id_3 
_pdbx_validate_rmsd_angle.auth_seq_id_3 
_pdbx_validate_rmsd_angle.PDB_ins_code_3 
_pdbx_validate_rmsd_angle.label_alt_id_3 
_pdbx_validate_rmsd_angle.angle_value 
_pdbx_validate_rmsd_angle.angle_target_value 
_pdbx_validate_rmsd_angle.angle_deviation 
_pdbx_validate_rmsd_angle.angle_standard_deviation 
_pdbx_validate_rmsd_angle.linker_flag 
1 1 CA A HAO 13 ? ? C A HAO 13 ? ? N A LYS 14 ? ? 145.01 117.20 27.81 2.20 Y 
2 1 CA A HAO 15 ? ? C A HAO 15 ? ? N A 4BF 16 ? ? 143.75 117.20 26.55 2.20 Y 
# 
_pdbx_validate_main_chain_plane.id                       1 
_pdbx_validate_main_chain_plane.PDB_model_num            1 
_pdbx_validate_main_chain_plane.auth_comp_id             HAO 
_pdbx_validate_main_chain_plane.auth_asym_id             A 
_pdbx_validate_main_chain_plane.auth_seq_id              13 
_pdbx_validate_main_chain_plane.PDB_ins_code             ? 
_pdbx_validate_main_chain_plane.label_alt_id             ? 
_pdbx_validate_main_chain_plane.improper_torsion_angle   13.50 
# 
loop_
_chem_comp_atom.comp_id 
_chem_comp_atom.atom_id 
_chem_comp_atom.type_symbol 
_chem_comp_atom.pdbx_aromatic_flag 
_chem_comp_atom.pdbx_stereo_config 
_chem_comp_atom.pdbx_ordinal 
4BF CD1  C  Y N 1   
4BF CE1  C  Y N 2   
4BF CZ   C  Y N 3   
4BF BR   BR N N 4   
4BF CE2  C  Y N 5   
4BF CD2  C  Y N 6   
4BF CG   C  Y N 7   
4BF CB   C  N N 8   
4BF CA   C  N S 9   
4BF N    N  N N 10  
4BF C    C  N N 11  
4BF OXT  O  N N 12  
4BF O    O  N N 13  
4BF HD1  H  N N 14  
4BF HE1  H  N N 15  
4BF HE2  H  N N 16  
4BF HD2  H  N N 17  
4BF HB3  H  N N 18  
4BF HB2  H  N N 19  
4BF HA   H  N N 20  
4BF H    H  N N 21  
4BF H2   H  N N 22  
4BF HXT  H  N N 23  
ALA N    N  N N 24  
ALA CA   C  N S 25  
ALA C    C  N N 26  
ALA O    O  N N 27  
ALA CB   C  N N 28  
ALA OXT  O  N N 29  
ALA H    H  N N 30  
ALA H2   H  N N 31  
ALA HA   H  N N 32  
ALA HB1  H  N N 33  
ALA HB2  H  N N 34  
ALA HB3  H  N N 35  
ALA HXT  H  N N 36  
ASP N    N  N N 37  
ASP CA   C  N S 38  
ASP C    C  N N 39  
ASP O    O  N N 40  
ASP CB   C  N N 41  
ASP CG   C  N N 42  
ASP OD1  O  N N 43  
ASP OD2  O  N N 44  
ASP OXT  O  N N 45  
ASP H    H  N N 46  
ASP H2   H  N N 47  
ASP HA   H  N N 48  
ASP HB2  H  N N 49  
ASP HB3  H  N N 50  
ASP HD2  H  N N 51  
ASP HXT  H  N N 52  
GLN N    N  N N 53  
GLN CA   C  N S 54  
GLN C    C  N N 55  
GLN O    O  N N 56  
GLN CB   C  N N 57  
GLN CG   C  N N 58  
GLN CD   C  N N 59  
GLN OE1  O  N N 60  
GLN NE2  N  N N 61  
GLN OXT  O  N N 62  
GLN H    H  N N 63  
GLN H2   H  N N 64  
GLN HA   H  N N 65  
GLN HB2  H  N N 66  
GLN HB3  H  N N 67  
GLN HG2  H  N N 68  
GLN HG3  H  N N 69  
GLN HE21 H  N N 70  
GLN HE22 H  N N 71  
GLN HXT  H  N N 72  
GLU N    N  N N 73  
GLU CA   C  N S 74  
GLU C    C  N N 75  
GLU O    O  N N 76  
GLU CB   C  N N 77  
GLU CG   C  N N 78  
GLU CD   C  N N 79  
GLU OE1  O  N N 80  
GLU OE2  O  N N 81  
GLU OXT  O  N N 82  
GLU H    H  N N 83  
GLU H2   H  N N 84  
GLU HA   H  N N 85  
GLU HB2  H  N N 86  
GLU HB3  H  N N 87  
GLU HG2  H  N N 88  
GLU HG3  H  N N 89  
GLU HE2  H  N N 90  
GLU HXT  H  N N 91  
HAO N    N  N N 92  
HAO N9   N  N N 93  
HAO C10  C  N N 94  
HAO O11  O  N N 95  
HAO CA   C  Y N 96  
HAO C13  C  Y N 97  
HAO C14  C  Y N 98  
HAO C15  C  N N 99  
HAO O15  O  N N 100 
HAO C17  C  Y N 101 
HAO C18  C  Y N 102 
HAO C19  C  Y N 103 
HAO N20  N  N N 104 
HAO C21  C  N N 105 
HAO O22  O  N N 106 
HAO C    C  N N 107 
HAO O    O  N N 108 
HAO H    H  N N 109 
HAO H13  H  N N 110 
HAO H15  H  N N 111 
HAO H15A H  N N 112 
HAO H15B H  N N 113 
HAO H17  H  N N 114 
HAO H18  H  N N 115 
HAO HN20 H  N N 116 
HAO OXT  O  N N 117 
HAO H2   H  N N 118 
HAO H10  H  N N 119 
HAO HXT  H  N N 120 
HOH O    O  N N 121 
HOH H1   H  N N 122 
HOH H2   H  N N 123 
LEU N    N  N N 124 
LEU CA   C  N S 125 
LEU C    C  N N 126 
LEU O    O  N N 127 
LEU CB   C  N N 128 
LEU CG   C  N N 129 
LEU CD1  C  N N 130 
LEU CD2  C  N N 131 
LEU OXT  O  N N 132 
LEU H    H  N N 133 
LEU H2   H  N N 134 
LEU HA   H  N N 135 
LEU HB2  H  N N 136 
LEU HB3  H  N N 137 
LEU HG   H  N N 138 
LEU HD11 H  N N 139 
LEU HD12 H  N N 140 
LEU HD13 H  N N 141 
LEU HD21 H  N N 142 
LEU HD22 H  N N 143 
LEU HD23 H  N N 144 
LEU HXT  H  N N 145 
LYS N    N  N N 146 
LYS CA   C  N S 147 
LYS C    C  N N 148 
LYS O    O  N N 149 
LYS CB   C  N N 150 
LYS CG   C  N N 151 
LYS CD   C  N N 152 
LYS CE   C  N N 153 
LYS NZ   N  N N 154 
LYS OXT  O  N N 155 
LYS H    H  N N 156 
LYS H2   H  N N 157 
LYS HA   H  N N 158 
LYS HB2  H  N N 159 
LYS HB3  H  N N 160 
LYS HG2  H  N N 161 
LYS HG3  H  N N 162 
LYS HD2  H  N N 163 
LYS HD3  H  N N 164 
LYS HE2  H  N N 165 
LYS HE3  H  N N 166 
LYS HZ1  H  N N 167 
LYS HZ2  H  N N 168 
LYS HZ3  H  N N 169 
LYS HXT  H  N N 170 
NA  NA   NA N N 171 
ORN N    N  N N 172 
ORN CA   C  N S 173 
ORN CB   C  N N 174 
ORN CG   C  N N 175 
ORN CD   C  N N 176 
ORN NE   N  N N 177 
ORN C    C  N N 178 
ORN O    O  N N 179 
ORN OXT  O  N N 180 
ORN H    H  N N 181 
ORN H2   H  N N 182 
ORN HA   H  N N 183 
ORN HB2  H  N N 184 
ORN HB3  H  N N 185 
ORN HG2  H  N N 186 
ORN HG3  H  N N 187 
ORN HD2  H  N N 188 
ORN HD3  H  N N 189 
ORN HE1  H  N N 190 
ORN HE2  H  N N 191 
ORN HXT  H  N N 192 
PHE N    N  N N 193 
PHE CA   C  N S 194 
PHE C    C  N N 195 
PHE O    O  N N 196 
PHE CB   C  N N 197 
PHE CG   C  Y N 198 
PHE CD1  C  Y N 199 
PHE CD2  C  Y N 200 
PHE CE1  C  Y N 201 
PHE CE2  C  Y N 202 
PHE CZ   C  Y N 203 
PHE OXT  O  N N 204 
PHE H    H  N N 205 
PHE H2   H  N N 206 
PHE HA   H  N N 207 
PHE HB2  H  N N 208 
PHE HB3  H  N N 209 
PHE HD1  H  N N 210 
PHE HD2  H  N N 211 
PHE HE1  H  N N 212 
PHE HE2  H  N N 213 
PHE HZ   H  N N 214 
PHE HXT  H  N N 215 
TBU O    O  N N 216 
TBU C    C  N N 217 
TBU C1   C  N N 218 
TBU C2   C  N N 219 
TBU C3   C  N N 220 
TBU HO   H  N N 221 
TBU H11  H  N N 222 
TBU H12  H  N N 223 
TBU H13  H  N N 224 
TBU H21  H  N N 225 
TBU H22  H  N N 226 
TBU H23  H  N N 227 
TBU H31  H  N N 228 
TBU H32  H  N N 229 
TBU H33  H  N N 230 
THR N    N  N N 231 
THR CA   C  N S 232 
THR C    C  N N 233 
THR O    O  N N 234 
THR CB   C  N R 235 
THR OG1  O  N N 236 
THR CG2  C  N N 237 
THR OXT  O  N N 238 
THR H    H  N N 239 
THR H2   H  N N 240 
THR HA   H  N N 241 
THR HB   H  N N 242 
THR HG1  H  N N 243 
THR HG21 H  N N 244 
THR HG22 H  N N 245 
THR HG23 H  N N 246 
THR HXT  H  N N 247 
VAL N    N  N N 248 
VAL CA   C  N S 249 
VAL C    C  N N 250 
VAL O    O  N N 251 
VAL CB   C  N N 252 
VAL CG1  C  N N 253 
VAL CG2  C  N N 254 
VAL OXT  O  N N 255 
VAL H    H  N N 256 
VAL H2   H  N N 257 
VAL HA   H  N N 258 
VAL HB   H  N N 259 
VAL HG11 H  N N 260 
VAL HG12 H  N N 261 
VAL HG13 H  N N 262 
VAL HG21 H  N N 263 
VAL HG22 H  N N 264 
VAL HG23 H  N N 265 
VAL HXT  H  N N 266 
# 
loop_
_chem_comp_bond.comp_id 
_chem_comp_bond.atom_id_1 
_chem_comp_bond.atom_id_2 
_chem_comp_bond.value_order 
_chem_comp_bond.pdbx_aromatic_flag 
_chem_comp_bond.pdbx_stereo_config 
_chem_comp_bond.pdbx_ordinal 
4BF CD1 CE1  doub Y N 1   
4BF CD1 CG   sing Y N 2   
4BF CD1 HD1  sing N N 3   
4BF CE1 CZ   sing Y N 4   
4BF CE1 HE1  sing N N 5   
4BF CZ  BR   sing N N 6   
4BF CZ  CE2  doub Y N 7   
4BF CE2 CD2  sing Y N 8   
4BF CE2 HE2  sing N N 9   
4BF CD2 CG   doub Y N 10  
4BF CD2 HD2  sing N N 11  
4BF CG  CB   sing N N 12  
4BF CB  CA   sing N N 13  
4BF CB  HB3  sing N N 14  
4BF CB  HB2  sing N N 15  
4BF CA  N    sing N N 16  
4BF CA  C    sing N N 17  
4BF CA  HA   sing N N 18  
4BF N   H    sing N N 19  
4BF N   H2   sing N N 20  
4BF C   OXT  sing N N 21  
4BF C   O    doub N N 22  
4BF OXT HXT  sing N N 23  
ALA N   CA   sing N N 24  
ALA N   H    sing N N 25  
ALA N   H2   sing N N 26  
ALA CA  C    sing N N 27  
ALA CA  CB   sing N N 28  
ALA CA  HA   sing N N 29  
ALA C   O    doub N N 30  
ALA C   OXT  sing N N 31  
ALA CB  HB1  sing N N 32  
ALA CB  HB2  sing N N 33  
ALA CB  HB3  sing N N 34  
ALA OXT HXT  sing N N 35  
ASP N   CA   sing N N 36  
ASP N   H    sing N N 37  
ASP N   H2   sing N N 38  
ASP CA  C    sing N N 39  
ASP CA  CB   sing N N 40  
ASP CA  HA   sing N N 41  
ASP C   O    doub N N 42  
ASP C   OXT  sing N N 43  
ASP CB  CG   sing N N 44  
ASP CB  HB2  sing N N 45  
ASP CB  HB3  sing N N 46  
ASP CG  OD1  doub N N 47  
ASP CG  OD2  sing N N 48  
ASP OD2 HD2  sing N N 49  
ASP OXT HXT  sing N N 50  
GLN N   CA   sing N N 51  
GLN N   H    sing N N 52  
GLN N   H2   sing N N 53  
GLN CA  C    sing N N 54  
GLN CA  CB   sing N N 55  
GLN CA  HA   sing N N 56  
GLN C   O    doub N N 57  
GLN C   OXT  sing N N 58  
GLN CB  CG   sing N N 59  
GLN CB  HB2  sing N N 60  
GLN CB  HB3  sing N N 61  
GLN CG  CD   sing N N 62  
GLN CG  HG2  sing N N 63  
GLN CG  HG3  sing N N 64  
GLN CD  OE1  doub N N 65  
GLN CD  NE2  sing N N 66  
GLN NE2 HE21 sing N N 67  
GLN NE2 HE22 sing N N 68  
GLN OXT HXT  sing N N 69  
GLU N   CA   sing N N 70  
GLU N   H    sing N N 71  
GLU N   H2   sing N N 72  
GLU CA  C    sing N N 73  
GLU CA  CB   sing N N 74  
GLU CA  HA   sing N N 75  
GLU C   O    doub N N 76  
GLU C   OXT  sing N N 77  
GLU CB  CG   sing N N 78  
GLU CB  HB2  sing N N 79  
GLU CB  HB3  sing N N 80  
GLU CG  CD   sing N N 81  
GLU CG  HG2  sing N N 82  
GLU CG  HG3  sing N N 83  
GLU CD  OE1  doub N N 84  
GLU CD  OE2  sing N N 85  
GLU OE2 HE2  sing N N 86  
GLU OXT HXT  sing N N 87  
HAO N   N9   sing N N 88  
HAO N   H    sing N N 89  
HAO C10 N9   sing N N 90  
HAO C10 CA   sing N N 91  
HAO O11 C10  doub N N 92  
HAO CA  C14  sing Y N 93  
HAO C13 CA   doub Y N 94  
HAO C13 C19  sing Y N 95  
HAO C13 H13  sing N N 96  
HAO C14 C17  doub Y N 97  
HAO C14 O15  sing N N 98  
HAO C15 H15  sing N N 99  
HAO C15 H15A sing N N 100 
HAO C15 H15B sing N N 101 
HAO O15 C15  sing N N 102 
HAO C17 H17  sing N N 103 
HAO C18 C17  sing Y N 104 
HAO C18 H18  sing N N 105 
HAO C19 C18  doub Y N 106 
HAO N20 C19  sing N N 107 
HAO N20 HN20 sing N N 108 
HAO C21 N20  sing N N 109 
HAO C21 O22  doub N N 110 
HAO C   C21  sing N N 111 
HAO C   OXT  sing N N 112 
HAO O   C    doub N N 113 
HAO N   H2   sing N N 114 
HAO N9  H10  sing N N 115 
HAO OXT HXT  sing N N 116 
HOH O   H1   sing N N 117 
HOH O   H2   sing N N 118 
LEU N   CA   sing N N 119 
LEU N   H    sing N N 120 
LEU N   H2   sing N N 121 
LEU CA  C    sing N N 122 
LEU CA  CB   sing N N 123 
LEU CA  HA   sing N N 124 
LEU C   O    doub N N 125 
LEU C   OXT  sing N N 126 
LEU CB  CG   sing N N 127 
LEU CB  HB2  sing N N 128 
LEU CB  HB3  sing N N 129 
LEU CG  CD1  sing N N 130 
LEU CG  CD2  sing N N 131 
LEU CG  HG   sing N N 132 
LEU CD1 HD11 sing N N 133 
LEU CD1 HD12 sing N N 134 
LEU CD1 HD13 sing N N 135 
LEU CD2 HD21 sing N N 136 
LEU CD2 HD22 sing N N 137 
LEU CD2 HD23 sing N N 138 
LEU OXT HXT  sing N N 139 
LYS N   CA   sing N N 140 
LYS N   H    sing N N 141 
LYS N   H2   sing N N 142 
LYS CA  C    sing N N 143 
LYS CA  CB   sing N N 144 
LYS CA  HA   sing N N 145 
LYS C   O    doub N N 146 
LYS C   OXT  sing N N 147 
LYS CB  CG   sing N N 148 
LYS CB  HB2  sing N N 149 
LYS CB  HB3  sing N N 150 
LYS CG  CD   sing N N 151 
LYS CG  HG2  sing N N 152 
LYS CG  HG3  sing N N 153 
LYS CD  CE   sing N N 154 
LYS CD  HD2  sing N N 155 
LYS CD  HD3  sing N N 156 
LYS CE  NZ   sing N N 157 
LYS CE  HE2  sing N N 158 
LYS CE  HE3  sing N N 159 
LYS NZ  HZ1  sing N N 160 
LYS NZ  HZ2  sing N N 161 
LYS NZ  HZ3  sing N N 162 
LYS OXT HXT  sing N N 163 
ORN N   CA   sing N N 164 
ORN N   H    sing N N 165 
ORN N   H2   sing N N 166 
ORN CA  CB   sing N N 167 
ORN CA  C    sing N N 168 
ORN CA  HA   sing N N 169 
ORN CB  CG   sing N N 170 
ORN CB  HB2  sing N N 171 
ORN CB  HB3  sing N N 172 
ORN CG  CD   sing N N 173 
ORN CG  HG2  sing N N 174 
ORN CG  HG3  sing N N 175 
ORN CD  NE   sing N N 176 
ORN CD  HD2  sing N N 177 
ORN CD  HD3  sing N N 178 
ORN NE  HE1  sing N N 179 
ORN NE  HE2  sing N N 180 
ORN C   O    doub N N 181 
ORN C   OXT  sing N N 182 
ORN OXT HXT  sing N N 183 
PHE N   CA   sing N N 184 
PHE N   H    sing N N 185 
PHE N   H2   sing N N 186 
PHE CA  C    sing N N 187 
PHE CA  CB   sing N N 188 
PHE CA  HA   sing N N 189 
PHE C   O    doub N N 190 
PHE C   OXT  sing N N 191 
PHE CB  CG   sing N N 192 
PHE CB  HB2  sing N N 193 
PHE CB  HB3  sing N N 194 
PHE CG  CD1  doub Y N 195 
PHE CG  CD2  sing Y N 196 
PHE CD1 CE1  sing Y N 197 
PHE CD1 HD1  sing N N 198 
PHE CD2 CE2  doub Y N 199 
PHE CD2 HD2  sing N N 200 
PHE CE1 CZ   doub Y N 201 
PHE CE1 HE1  sing N N 202 
PHE CE2 CZ   sing Y N 203 
PHE CE2 HE2  sing N N 204 
PHE CZ  HZ   sing N N 205 
PHE OXT HXT  sing N N 206 
TBU O   C    sing N N 207 
TBU O   HO   sing N N 208 
TBU C   C1   sing N N 209 
TBU C   C2   sing N N 210 
TBU C   C3   sing N N 211 
TBU C1  H11  sing N N 212 
TBU C1  H12  sing N N 213 
TBU C1  H13  sing N N 214 
TBU C2  H21  sing N N 215 
TBU C2  H22  sing N N 216 
TBU C2  H23  sing N N 217 
TBU C3  H31  sing N N 218 
TBU C3  H32  sing N N 219 
TBU C3  H33  sing N N 220 
THR N   CA   sing N N 221 
THR N   H    sing N N 222 
THR N   H2   sing N N 223 
THR CA  C    sing N N 224 
THR CA  CB   sing N N 225 
THR CA  HA   sing N N 226 
THR C   O    doub N N 227 
THR C   OXT  sing N N 228 
THR CB  OG1  sing N N 229 
THR CB  CG2  sing N N 230 
THR CB  HB   sing N N 231 
THR OG1 HG1  sing N N 232 
THR CG2 HG21 sing N N 233 
THR CG2 HG22 sing N N 234 
THR CG2 HG23 sing N N 235 
THR OXT HXT  sing N N 236 
VAL N   CA   sing N N 237 
VAL N   H    sing N N 238 
VAL N   H2   sing N N 239 
VAL CA  C    sing N N 240 
VAL CA  CB   sing N N 241 
VAL CA  HA   sing N N 242 
VAL C   O    doub N N 243 
VAL C   OXT  sing N N 244 
VAL CB  CG1  sing N N 245 
VAL CB  CG2  sing N N 246 
VAL CB  HB   sing N N 247 
VAL CG1 HG11 sing N N 248 
VAL CG1 HG12 sing N N 249 
VAL CG1 HG13 sing N N 250 
VAL CG2 HG21 sing N N 251 
VAL CG2 HG22 sing N N 252 
VAL CG2 HG23 sing N N 253 
VAL OXT HXT  sing N N 254 
# 
loop_
_pdbx_entity_nonpoly.entity_id 
_pdbx_entity_nonpoly.name 
_pdbx_entity_nonpoly.comp_id 
2 'TERTIARY-BUTYL ALCOHOL' TBU 
3 'SODIUM ION'             NA  
4 water                    HOH 
# 
